data_1SP1
# 
_entry.id   1SP1 
# 
_audit_conform.dict_name       mmcif_pdbx.dic 
_audit_conform.dict_version    5.392 
_audit_conform.dict_location   http://mmcif.pdb.org/dictionaries/ascii/mmcif_pdbx.dic 
# 
loop_
_database_2.database_id 
_database_2.database_code 
_database_2.pdbx_database_accession 
_database_2.pdbx_DOI 
PDB   1SP1         pdb_00001sp1 10.2210/pdb1sp1/pdb 
WWPDB D_1000176455 ?            ?                   
# 
loop_
_pdbx_audit_revision_history.ordinal 
_pdbx_audit_revision_history.data_content_type 
_pdbx_audit_revision_history.major_revision 
_pdbx_audit_revision_history.minor_revision 
_pdbx_audit_revision_history.revision_date 
1 'Structure model' 1 0 1997-04-21 
2 'Structure model' 1 1 2008-03-24 
3 'Structure model' 1 2 2011-07-13 
4 'Structure model' 1 3 2022-03-02 
5 'Structure model' 1 4 2024-05-22 
# 
_pdbx_audit_revision_details.ordinal             1 
_pdbx_audit_revision_details.revision_ordinal    1 
_pdbx_audit_revision_details.data_content_type   'Structure model' 
_pdbx_audit_revision_details.provider            repository 
_pdbx_audit_revision_details.type                'Initial release' 
_pdbx_audit_revision_details.description         ? 
_pdbx_audit_revision_details.details             ? 
# 
loop_
_pdbx_audit_revision_group.ordinal 
_pdbx_audit_revision_group.revision_ordinal 
_pdbx_audit_revision_group.data_content_type 
_pdbx_audit_revision_group.group 
1 2 'Structure model' 'Version format compliance' 
2 3 'Structure model' 'Version format compliance' 
3 4 'Structure model' 'Data collection'           
4 4 'Structure model' 'Database references'       
5 4 'Structure model' 'Derived calculations'      
6 4 'Structure model' Other                       
7 5 'Structure model' 'Data collection'           
# 
loop_
_pdbx_audit_revision_category.ordinal 
_pdbx_audit_revision_category.revision_ordinal 
_pdbx_audit_revision_category.data_content_type 
_pdbx_audit_revision_category.category 
1 4 'Structure model' database_2            
2 4 'Structure model' pdbx_database_status  
3 4 'Structure model' pdbx_nmr_software     
4 4 'Structure model' pdbx_struct_assembly  
5 4 'Structure model' pdbx_struct_oper_list 
6 4 'Structure model' struct_conn           
7 4 'Structure model' struct_site           
8 5 'Structure model' chem_comp_atom        
9 5 'Structure model' chem_comp_bond        
# 
loop_
_pdbx_audit_revision_item.ordinal 
_pdbx_audit_revision_item.revision_ordinal 
_pdbx_audit_revision_item.data_content_type 
_pdbx_audit_revision_item.item 
1  4 'Structure model' '_database_2.pdbx_DOI'                
2  4 'Structure model' '_database_2.pdbx_database_accession' 
3  4 'Structure model' '_pdbx_database_status.process_site'  
4  4 'Structure model' '_pdbx_nmr_software.name'             
5  4 'Structure model' '_struct_conn.ptnr1_auth_comp_id'     
6  4 'Structure model' '_struct_conn.ptnr1_auth_seq_id'      
7  4 'Structure model' '_struct_conn.ptnr1_label_asym_id'    
8  4 'Structure model' '_struct_conn.ptnr1_label_atom_id'    
9  4 'Structure model' '_struct_conn.ptnr1_label_comp_id'    
10 4 'Structure model' '_struct_conn.ptnr1_label_seq_id'     
11 4 'Structure model' '_struct_conn.ptnr2_auth_comp_id'     
12 4 'Structure model' '_struct_conn.ptnr2_auth_seq_id'      
13 4 'Structure model' '_struct_conn.ptnr2_label_asym_id'    
14 4 'Structure model' '_struct_conn.ptnr2_label_atom_id'    
15 4 'Structure model' '_struct_conn.ptnr2_label_comp_id'    
16 4 'Structure model' '_struct_conn.ptnr2_label_seq_id'     
17 4 'Structure model' '_struct_site.pdbx_auth_asym_id'      
18 4 'Structure model' '_struct_site.pdbx_auth_comp_id'      
19 4 'Structure model' '_struct_site.pdbx_auth_seq_id'       
# 
_pdbx_database_status.status_code                     REL 
_pdbx_database_status.entry_id                        1SP1 
_pdbx_database_status.recvd_initial_deposition_date   1996-11-21 
_pdbx_database_status.deposit_site                    ? 
_pdbx_database_status.process_site                    BNL 
_pdbx_database_status.status_code_sf                  ? 
_pdbx_database_status.status_code_mr                  REL 
_pdbx_database_status.SG_entry                        ? 
_pdbx_database_status.pdb_format_compatible           Y 
_pdbx_database_status.status_code_cs                  ? 
_pdbx_database_status.status_code_nmr_data            ? 
_pdbx_database_status.methods_development_category    ? 
# 
loop_
_audit_author.name 
_audit_author.pdbx_ordinal 
'Narayan, V.A.'   1 
'Kriwacki, R.W.'  2 
'Caradonna, J.P.' 3 
# 
_citation.id                        primary 
_citation.title                     
'Structures of zinc finger domains from transcription factor Sp1. Insights into sequence-specific protein-DNA recognition.' 
_citation.journal_abbrev            J.Biol.Chem. 
_citation.journal_volume            272 
_citation.page_first                7801 
_citation.page_last                 7809 
_citation.year                      1997 
_citation.journal_id_ASTM           JBCHA3 
_citation.country                   US 
_citation.journal_id_ISSN           0021-9258 
_citation.journal_id_CSD            0071 
_citation.book_publisher            ? 
_citation.pdbx_database_id_PubMed   9065444 
_citation.pdbx_database_id_DOI      10.1074/jbc.272.12.7801 
# 
loop_
_citation_author.citation_id 
_citation_author.name 
_citation_author.ordinal 
_citation_author.identifier_ORCID 
primary 'Narayan, V.A.'   1 ? 
primary 'Kriwacki, R.W.'  2 ? 
primary 'Caradonna, J.P.' 3 ? 
# 
loop_
_entity.id 
_entity.type 
_entity.src_method 
_entity.pdbx_description 
_entity.formula_weight 
_entity.pdbx_number_of_molecules 
_entity.pdbx_ec 
_entity.pdbx_mutation 
_entity.pdbx_fragment 
_entity.details 
1 polymer     man SP1F3      3536.247 1 ? ? 'ZINC FINGER DNA BINDING DOMAIN' 
'DOES NOT BIND DNA SPECIFICALLY AS A SINGLE ZINC FINGER' 
2 non-polymer syn 'ZINC ION' 65.409   1 ? ? ?                                ? 
# 
_entity_name_com.entity_id   1 
_entity_name_com.name        'TRANSCRIPTION FACTOR SP1' 
# 
_entity_poly.entity_id                      1 
_entity_poly.type                           'polypeptide(L)' 
_entity_poly.nstd_linkage                   no 
_entity_poly.nstd_monomer                   no 
_entity_poly.pdbx_seq_one_letter_code       KKFACPECPKRFMRSDHLSKHIKTHQNKK 
_entity_poly.pdbx_seq_one_letter_code_can   KKFACPECPKRFMRSDHLSKHIKTHQNKK 
_entity_poly.pdbx_strand_id                 A 
_entity_poly.pdbx_target_identifier         ? 
# 
_pdbx_entity_nonpoly.entity_id   2 
_pdbx_entity_nonpoly.name        'ZINC ION' 
_pdbx_entity_nonpoly.comp_id     ZN 
# 
loop_
_entity_poly_seq.entity_id 
_entity_poly_seq.num 
_entity_poly_seq.mon_id 
_entity_poly_seq.hetero 
1 1  LYS n 
1 2  LYS n 
1 3  PHE n 
1 4  ALA n 
1 5  CYS n 
1 6  PRO n 
1 7  GLU n 
1 8  CYS n 
1 9  PRO n 
1 10 LYS n 
1 11 ARG n 
1 12 PHE n 
1 13 MET n 
1 14 ARG n 
1 15 SER n 
1 16 ASP n 
1 17 HIS n 
1 18 LEU n 
1 19 SER n 
1 20 LYS n 
1 21 HIS n 
1 22 ILE n 
1 23 LYS n 
1 24 THR n 
1 25 HIS n 
1 26 GLN n 
1 27 ASN n 
1 28 LYS n 
1 29 LYS n 
# 
_entity_src_gen.entity_id                          1 
_entity_src_gen.pdbx_src_id                        1 
_entity_src_gen.pdbx_alt_source_flag               sample 
_entity_src_gen.pdbx_seq_type                      ? 
_entity_src_gen.pdbx_beg_seq_num                   ? 
_entity_src_gen.pdbx_end_seq_num                   ? 
_entity_src_gen.gene_src_common_name               human 
_entity_src_gen.gene_src_genus                     Homo 
_entity_src_gen.pdbx_gene_src_gene                 ? 
_entity_src_gen.gene_src_species                   ? 
_entity_src_gen.gene_src_strain                    ? 
_entity_src_gen.gene_src_tissue                    ? 
_entity_src_gen.gene_src_tissue_fraction           ? 
_entity_src_gen.gene_src_details                   ? 
_entity_src_gen.pdbx_gene_src_fragment             ? 
_entity_src_gen.pdbx_gene_src_scientific_name      'Homo sapiens' 
_entity_src_gen.pdbx_gene_src_ncbi_taxonomy_id     9606 
_entity_src_gen.pdbx_gene_src_variant              ? 
_entity_src_gen.pdbx_gene_src_cell_line            ? 
_entity_src_gen.pdbx_gene_src_atcc                 ? 
_entity_src_gen.pdbx_gene_src_organ                ? 
_entity_src_gen.pdbx_gene_src_organelle            ? 
_entity_src_gen.pdbx_gene_src_cell                 ? 
_entity_src_gen.pdbx_gene_src_cellular_location    NUCLEOPLASM 
_entity_src_gen.host_org_common_name               ? 
_entity_src_gen.pdbx_host_org_scientific_name      ? 
_entity_src_gen.pdbx_host_org_ncbi_taxonomy_id     ? 
_entity_src_gen.host_org_genus                     ? 
_entity_src_gen.pdbx_host_org_gene                 ? 
_entity_src_gen.pdbx_host_org_organ                ? 
_entity_src_gen.host_org_species                   ? 
_entity_src_gen.pdbx_host_org_tissue               ? 
_entity_src_gen.pdbx_host_org_tissue_fraction      ? 
_entity_src_gen.pdbx_host_org_strain               ? 
_entity_src_gen.pdbx_host_org_variant              ? 
_entity_src_gen.pdbx_host_org_cell_line            ? 
_entity_src_gen.pdbx_host_org_atcc                 ? 
_entity_src_gen.pdbx_host_org_culture_collection   ? 
_entity_src_gen.pdbx_host_org_cell                 ? 
_entity_src_gen.pdbx_host_org_organelle            ? 
_entity_src_gen.pdbx_host_org_cellular_location    ? 
_entity_src_gen.pdbx_host_org_vector_type          ? 
_entity_src_gen.pdbx_host_org_vector               ? 
_entity_src_gen.host_org_details                   ? 
_entity_src_gen.expression_system_id               ? 
_entity_src_gen.plasmid_name                       ? 
_entity_src_gen.plasmid_details                    ? 
_entity_src_gen.pdbx_description                   ? 
# 
loop_
_chem_comp.id 
_chem_comp.type 
_chem_comp.mon_nstd_flag 
_chem_comp.name 
_chem_comp.pdbx_synonyms 
_chem_comp.formula 
_chem_comp.formula_weight 
ALA 'L-peptide linking' y ALANINE         ? 'C3 H7 N O2'     89.093  
ARG 'L-peptide linking' y ARGININE        ? 'C6 H15 N4 O2 1' 175.209 
ASN 'L-peptide linking' y ASPARAGINE      ? 'C4 H8 N2 O3'    132.118 
ASP 'L-peptide linking' y 'ASPARTIC ACID' ? 'C4 H7 N O4'     133.103 
CYS 'L-peptide linking' y CYSTEINE        ? 'C3 H7 N O2 S'   121.158 
GLN 'L-peptide linking' y GLUTAMINE       ? 'C5 H10 N2 O3'   146.144 
GLU 'L-peptide linking' y 'GLUTAMIC ACID' ? 'C5 H9 N O4'     147.129 
HIS 'L-peptide linking' y HISTIDINE       ? 'C6 H10 N3 O2 1' 156.162 
ILE 'L-peptide linking' y ISOLEUCINE      ? 'C6 H13 N O2'    131.173 
LEU 'L-peptide linking' y LEUCINE         ? 'C6 H13 N O2'    131.173 
LYS 'L-peptide linking' y LYSINE          ? 'C6 H15 N2 O2 1' 147.195 
MET 'L-peptide linking' y METHIONINE      ? 'C5 H11 N O2 S'  149.211 
PHE 'L-peptide linking' y PHENYLALANINE   ? 'C9 H11 N O2'    165.189 
PRO 'L-peptide linking' y PROLINE         ? 'C5 H9 N O2'     115.130 
SER 'L-peptide linking' y SERINE          ? 'C3 H7 N O3'     105.093 
THR 'L-peptide linking' y THREONINE       ? 'C4 H9 N O3'     119.119 
ZN  non-polymer         . 'ZINC ION'      ? 'Zn 2'           65.409  
# 
loop_
_pdbx_poly_seq_scheme.asym_id 
_pdbx_poly_seq_scheme.entity_id 
_pdbx_poly_seq_scheme.seq_id 
_pdbx_poly_seq_scheme.mon_id 
_pdbx_poly_seq_scheme.ndb_seq_num 
_pdbx_poly_seq_scheme.pdb_seq_num 
_pdbx_poly_seq_scheme.auth_seq_num 
_pdbx_poly_seq_scheme.pdb_mon_id 
_pdbx_poly_seq_scheme.auth_mon_id 
_pdbx_poly_seq_scheme.pdb_strand_id 
_pdbx_poly_seq_scheme.pdb_ins_code 
_pdbx_poly_seq_scheme.hetero 
A 1 1  LYS 1  1  1  LYS LYS A . n 
A 1 2  LYS 2  2  2  LYS LYS A . n 
A 1 3  PHE 3  3  3  PHE PHE A . n 
A 1 4  ALA 4  4  4  ALA ALA A . n 
A 1 5  CYS 5  5  5  CYS CYS A . n 
A 1 6  PRO 6  6  6  PRO PRO A . n 
A 1 7  GLU 7  7  7  GLU GLU A . n 
A 1 8  CYS 8  8  8  CYS CYS A . n 
A 1 9  PRO 9  9  9  PRO PRO A . n 
A 1 10 LYS 10 10 10 LYS LYS A . n 
A 1 11 ARG 11 11 11 ARG ARG A . n 
A 1 12 PHE 12 12 12 PHE PHE A . n 
A 1 13 MET 13 13 13 MET MET A . n 
A 1 14 ARG 14 14 14 ARG ARG A . n 
A 1 15 SER 15 15 15 SER SER A . n 
A 1 16 ASP 16 16 16 ASP ASP A . n 
A 1 17 HIS 17 17 17 HIS HIS A . n 
A 1 18 LEU 18 18 18 LEU LEU A . n 
A 1 19 SER 19 19 19 SER SER A . n 
A 1 20 LYS 20 20 20 LYS LYS A . n 
A 1 21 HIS 21 21 21 HIS HIS A . n 
A 1 22 ILE 22 22 22 ILE ILE A . n 
A 1 23 LYS 23 23 23 LYS LYS A . n 
A 1 24 THR 24 24 24 THR THR A . n 
A 1 25 HIS 25 25 25 HIS HIS A . n 
A 1 26 GLN 26 26 26 GLN GLN A . n 
A 1 27 ASN 27 27 27 ASN ASN A . n 
A 1 28 LYS 28 28 28 LYS LYS A . n 
A 1 29 LYS 29 29 29 LYS LYS A . n 
# 
_pdbx_nonpoly_scheme.asym_id         B 
_pdbx_nonpoly_scheme.entity_id       2 
_pdbx_nonpoly_scheme.mon_id          ZN 
_pdbx_nonpoly_scheme.ndb_seq_num     1 
_pdbx_nonpoly_scheme.pdb_seq_num     30 
_pdbx_nonpoly_scheme.auth_seq_num    30 
_pdbx_nonpoly_scheme.pdb_mon_id      ZN 
_pdbx_nonpoly_scheme.auth_mon_id     ZN 
_pdbx_nonpoly_scheme.pdb_strand_id   A 
_pdbx_nonpoly_scheme.pdb_ins_code    . 
# 
loop_
_software.name 
_software.classification 
_software.version 
_software.citation_id 
_software.pdbx_ordinal 
X-PLOR 'model building' . ? 1 
X-PLOR refinement       . ? 2 
X-PLOR phasing          . ? 3 
# 
_cell.entry_id           1SP1 
_cell.length_a           1.000 
_cell.length_b           1.000 
_cell.length_c           1.000 
_cell.angle_alpha        90.00 
_cell.angle_beta         90.00 
_cell.angle_gamma        90.00 
_cell.Z_PDB              1 
_cell.pdbx_unique_axis   ? 
# 
_symmetry.entry_id                         1SP1 
_symmetry.space_group_name_H-M             'P 1' 
_symmetry.pdbx_full_space_group_name_H-M   ? 
_symmetry.cell_setting                     ? 
_symmetry.Int_Tables_number                1 
# 
_exptl.entry_id          1SP1 
_exptl.method            'SOLUTION NMR' 
_exptl.crystals_number   ? 
# 
_struct.entry_id                  1SP1 
_struct.title                     
'NMR STRUCTURE OF A ZINC FINGER DOMAIN FROM TRANSCRIPTION FACTOR SP1F3, MINIMIZED AVERAGE STRUCTURE' 
_struct.pdbx_model_details        ? 
_struct.pdbx_CASP_flag            ? 
_struct.pdbx_model_type_details   ? 
# 
_struct_keywords.entry_id        1SP1 
_struct_keywords.pdbx_keywords   'ZINC FINGER' 
_struct_keywords.text            'ZINC FINGER, TRANSCRIPTION ACTIVATION, SP1' 
# 
loop_
_struct_asym.id 
_struct_asym.pdbx_blank_PDB_chainid_flag 
_struct_asym.pdbx_modified 
_struct_asym.entity_id 
_struct_asym.details 
A Y N 1 ? 
B N N 2 ? 
# 
_struct_ref.id                         1 
_struct_ref.db_name                    UNP 
_struct_ref.db_code                    SP1_HUMAN 
_struct_ref.entity_id                  1 
_struct_ref.pdbx_db_accession          P08047 
_struct_ref.pdbx_align_begin           1 
_struct_ref.pdbx_seq_one_letter_code   
;TGELDLTATQLSQGANGWQIISSSSGATPTSKEQSGSSTNGSNGSESSKNRTVSGGQYVVAAAPNLQNQQVLTGLPGVMP
NIQYQVIPQFQTVDGQQLQFAATGAQVQQDGSGQIQIIPGANQQIITNRGSGGNIIAAMPNLLQQAVPLQGLANNVLSGQ
TQYVTNVPVALNGNITLLPVNSVSAATLTPSSQAVTISSSGSQESGSQPVTSGTTISSASLVSSQASSSSFFTNANSYST
TTTTSNMGIMNFTTSGSSGTNSQGQTPQRVSGLQGSDALNIQQNQTSGGSLQAGQQKEGEQNQQTQQQQILIQPQLVQGG
QALQALQAAPLSGQTFTTQAISQETLQNLQLQAVPNSGPIIIRTPTVGPNGQVSWQTLQLQNLQVQNPQAQTITLAPMQG
VSLGQTSSSNTTLTPIASAASIPAGTVTVNAAQLSSMPGLQTINLSALGTSGIQVHPIQGLPLAIANAPGDHGAQLGLHG
AGGDGIHDDTAGGEEGENSPDAQPQAGRRTRREACTCPYCKDSEGRGSGDPGKKKQHICHIQGCGKVYGKTSHLRAHLRW
HTGERPFMCTWSYCGKRFTRSDELQRHKRTHTGEKKFACPECPKRFMRSDHLSKHIKTHQNKKGGPGVALSVGTLPLDSG
AGSEGSGTATPSALITTNMVAMEAICPEGIARLANSGINVMQVADLQSINISGNGF
;
_struct_ref.pdbx_db_isoform            ? 
# 
_struct_ref_seq.align_id                      1 
_struct_ref_seq.ref_id                        1 
_struct_ref_seq.pdbx_PDB_id_code              1SP1 
_struct_ref_seq.pdbx_strand_id                A 
_struct_ref_seq.seq_align_beg                 1 
_struct_ref_seq.pdbx_seq_align_beg_ins_code   ? 
_struct_ref_seq.seq_align_end                 29 
_struct_ref_seq.pdbx_seq_align_end_ins_code   ? 
_struct_ref_seq.pdbx_db_accession             P08047 
_struct_ref_seq.db_align_beg                  595 
_struct_ref_seq.pdbx_db_align_beg_ins_code    ? 
_struct_ref_seq.db_align_end                  623 
_struct_ref_seq.pdbx_db_align_end_ins_code    ? 
_struct_ref_seq.pdbx_auth_seq_align_beg       1 
_struct_ref_seq.pdbx_auth_seq_align_end       29 
# 
_pdbx_struct_assembly.id                   1 
_pdbx_struct_assembly.details              author_defined_assembly 
_pdbx_struct_assembly.method_details       ? 
_pdbx_struct_assembly.oligomeric_details   monomeric 
_pdbx_struct_assembly.oligomeric_count     1 
# 
_pdbx_struct_assembly_gen.assembly_id       1 
_pdbx_struct_assembly_gen.oper_expression   1 
_pdbx_struct_assembly_gen.asym_id_list      A,B 
# 
_pdbx_struct_oper_list.id                   1 
_pdbx_struct_oper_list.type                 'identity operation' 
_pdbx_struct_oper_list.name                 1_555 
_pdbx_struct_oper_list.symmetry_operation   x,y,z 
_pdbx_struct_oper_list.matrix[1][1]         1.0000000000 
_pdbx_struct_oper_list.matrix[1][2]         0.0000000000 
_pdbx_struct_oper_list.matrix[1][3]         0.0000000000 
_pdbx_struct_oper_list.vector[1]            0.0000000000 
_pdbx_struct_oper_list.matrix[2][1]         0.0000000000 
_pdbx_struct_oper_list.matrix[2][2]         1.0000000000 
_pdbx_struct_oper_list.matrix[2][3]         0.0000000000 
_pdbx_struct_oper_list.vector[2]            0.0000000000 
_pdbx_struct_oper_list.matrix[3][1]         0.0000000000 
_pdbx_struct_oper_list.matrix[3][2]         0.0000000000 
_pdbx_struct_oper_list.matrix[3][3]         1.0000000000 
_pdbx_struct_oper_list.vector[3]            0.0000000000 
# 
_struct_biol.id   1 
# 
_struct_conf.conf_type_id            HELX_P 
_struct_conf.id                      HELX_P1 
_struct_conf.pdbx_PDB_helix_id       1 
_struct_conf.beg_label_comp_id       ASP 
_struct_conf.beg_label_asym_id       A 
_struct_conf.beg_label_seq_id        16 
_struct_conf.pdbx_beg_PDB_ins_code   ? 
_struct_conf.end_label_comp_id       GLN 
_struct_conf.end_label_asym_id       A 
_struct_conf.end_label_seq_id        26 
_struct_conf.pdbx_end_PDB_ins_code   ? 
_struct_conf.beg_auth_comp_id        ASP 
_struct_conf.beg_auth_asym_id        A 
_struct_conf.beg_auth_seq_id         16 
_struct_conf.end_auth_comp_id        GLN 
_struct_conf.end_auth_asym_id        A 
_struct_conf.end_auth_seq_id         26 
_struct_conf.pdbx_PDB_helix_class    1 
_struct_conf.details                 ? 
_struct_conf.pdbx_PDB_helix_length   11 
# 
_struct_conf_type.id          HELX_P 
_struct_conf_type.criteria    ? 
_struct_conf_type.reference   ? 
# 
loop_
_struct_conn.id 
_struct_conn.conn_type_id 
_struct_conn.pdbx_leaving_atom_flag 
_struct_conn.pdbx_PDB_id 
_struct_conn.ptnr1_label_asym_id 
_struct_conn.ptnr1_label_comp_id 
_struct_conn.ptnr1_label_seq_id 
_struct_conn.ptnr1_label_atom_id 
_struct_conn.pdbx_ptnr1_label_alt_id 
_struct_conn.pdbx_ptnr1_PDB_ins_code 
_struct_conn.pdbx_ptnr1_standard_comp_id 
_struct_conn.ptnr1_symmetry 
_struct_conn.ptnr2_label_asym_id 
_struct_conn.ptnr2_label_comp_id 
_struct_conn.ptnr2_label_seq_id 
_struct_conn.ptnr2_label_atom_id 
_struct_conn.pdbx_ptnr2_label_alt_id 
_struct_conn.pdbx_ptnr2_PDB_ins_code 
_struct_conn.ptnr1_auth_asym_id 
_struct_conn.ptnr1_auth_comp_id 
_struct_conn.ptnr1_auth_seq_id 
_struct_conn.ptnr2_auth_asym_id 
_struct_conn.ptnr2_auth_comp_id 
_struct_conn.ptnr2_auth_seq_id 
_struct_conn.ptnr2_symmetry 
_struct_conn.pdbx_ptnr3_label_atom_id 
_struct_conn.pdbx_ptnr3_label_seq_id 
_struct_conn.pdbx_ptnr3_label_comp_id 
_struct_conn.pdbx_ptnr3_label_asym_id 
_struct_conn.pdbx_ptnr3_label_alt_id 
_struct_conn.pdbx_ptnr3_PDB_ins_code 
_struct_conn.details 
_struct_conn.pdbx_dist_value 
_struct_conn.pdbx_value_order 
_struct_conn.pdbx_role 
metalc1 metalc ? ? A CYS 5  SG  ? ? ? 1_555 B ZN . ZN ? ? A CYS 5  A ZN 30 1_555 ? ? ? ? ? ? ? 2.268 ? ? 
metalc2 metalc ? ? A CYS 8  SG  ? ? ? 1_555 B ZN . ZN ? ? A CYS 8  A ZN 30 1_555 ? ? ? ? ? ? ? 2.246 ? ? 
metalc3 metalc ? ? A HIS 21 NE2 ? ? ? 1_555 B ZN . ZN ? ? A HIS 21 A ZN 30 1_555 ? ? ? ? ? ? ? 2.028 ? ? 
metalc4 metalc ? ? A HIS 25 NE2 ? ? ? 1_555 B ZN . ZN ? ? A HIS 25 A ZN 30 1_555 ? ? ? ? ? ? ? 2.100 ? ? 
# 
_struct_conn_type.id          metalc 
_struct_conn_type.criteria    ? 
_struct_conn_type.reference   ? 
# 
loop_
_pdbx_struct_conn_angle.id 
_pdbx_struct_conn_angle.ptnr1_label_atom_id 
_pdbx_struct_conn_angle.ptnr1_label_alt_id 
_pdbx_struct_conn_angle.ptnr1_label_asym_id 
_pdbx_struct_conn_angle.ptnr1_label_comp_id 
_pdbx_struct_conn_angle.ptnr1_label_seq_id 
_pdbx_struct_conn_angle.ptnr1_auth_atom_id 
_pdbx_struct_conn_angle.ptnr1_auth_asym_id 
_pdbx_struct_conn_angle.ptnr1_auth_comp_id 
_pdbx_struct_conn_angle.ptnr1_auth_seq_id 
_pdbx_struct_conn_angle.ptnr1_PDB_ins_code 
_pdbx_struct_conn_angle.ptnr1_symmetry 
_pdbx_struct_conn_angle.ptnr2_label_atom_id 
_pdbx_struct_conn_angle.ptnr2_label_alt_id 
_pdbx_struct_conn_angle.ptnr2_label_asym_id 
_pdbx_struct_conn_angle.ptnr2_label_comp_id 
_pdbx_struct_conn_angle.ptnr2_label_seq_id 
_pdbx_struct_conn_angle.ptnr2_auth_atom_id 
_pdbx_struct_conn_angle.ptnr2_auth_asym_id 
_pdbx_struct_conn_angle.ptnr2_auth_comp_id 
_pdbx_struct_conn_angle.ptnr2_auth_seq_id 
_pdbx_struct_conn_angle.ptnr2_PDB_ins_code 
_pdbx_struct_conn_angle.ptnr2_symmetry 
_pdbx_struct_conn_angle.ptnr3_label_atom_id 
_pdbx_struct_conn_angle.ptnr3_label_alt_id 
_pdbx_struct_conn_angle.ptnr3_label_asym_id 
_pdbx_struct_conn_angle.ptnr3_label_comp_id 
_pdbx_struct_conn_angle.ptnr3_label_seq_id 
_pdbx_struct_conn_angle.ptnr3_auth_atom_id 
_pdbx_struct_conn_angle.ptnr3_auth_asym_id 
_pdbx_struct_conn_angle.ptnr3_auth_comp_id 
_pdbx_struct_conn_angle.ptnr3_auth_seq_id 
_pdbx_struct_conn_angle.ptnr3_PDB_ins_code 
_pdbx_struct_conn_angle.ptnr3_symmetry 
_pdbx_struct_conn_angle.value 
_pdbx_struct_conn_angle.value_esd 
1 SG  ? A CYS 5  ? A CYS 5  ? 1_555 ZN ? B ZN . ? A ZN 30 ? 1_555 SG  ? A CYS 8  ? A CYS 8  ? 1_555 109.9 ? 
2 SG  ? A CYS 5  ? A CYS 5  ? 1_555 ZN ? B ZN . ? A ZN 30 ? 1_555 NE2 ? A HIS 21 ? A HIS 21 ? 1_555 111.2 ? 
3 SG  ? A CYS 8  ? A CYS 8  ? 1_555 ZN ? B ZN . ? A ZN 30 ? 1_555 NE2 ? A HIS 21 ? A HIS 21 ? 1_555 110.7 ? 
4 SG  ? A CYS 5  ? A CYS 5  ? 1_555 ZN ? B ZN . ? A ZN 30 ? 1_555 NE2 ? A HIS 25 ? A HIS 25 ? 1_555 106.9 ? 
5 SG  ? A CYS 8  ? A CYS 8  ? 1_555 ZN ? B ZN . ? A ZN 30 ? 1_555 NE2 ? A HIS 25 ? A HIS 25 ? 1_555 109.4 ? 
6 NE2 ? A HIS 21 ? A HIS 21 ? 1_555 ZN ? B ZN . ? A ZN 30 ? 1_555 NE2 ? A HIS 25 ? A HIS 25 ? 1_555 108.6 ? 
# 
loop_
_struct_site.id 
_struct_site.pdbx_evidence_code 
_struct_site.pdbx_auth_asym_id 
_struct_site.pdbx_auth_comp_id 
_struct_site.pdbx_auth_seq_id 
_struct_site.pdbx_auth_ins_code 
_struct_site.pdbx_num_residues 
_struct_site.details 
S1  Unknown  ? ?  ?  ? 2 'PROPOSED DNA BINDING RESIDUES.'   
AC1 Software A ZN 30 ? 4 'BINDING SITE FOR RESIDUE ZN A 30' 
# 
loop_
_struct_site_gen.id 
_struct_site_gen.site_id 
_struct_site_gen.pdbx_num_res 
_struct_site_gen.label_comp_id 
_struct_site_gen.label_asym_id 
_struct_site_gen.label_seq_id 
_struct_site_gen.pdbx_auth_ins_code 
_struct_site_gen.auth_comp_id 
_struct_site_gen.auth_asym_id 
_struct_site_gen.auth_seq_id 
_struct_site_gen.label_atom_id 
_struct_site_gen.label_alt_id 
_struct_site_gen.symmetry 
_struct_site_gen.details 
1 S1  2 ARG A 14 ? ARG A 14 . ? 1_555 ? 
2 S1  2 HIS A 17 ? HIS A 17 . ? 1_555 ? 
3 AC1 4 CYS A 5  ? CYS A 5  . ? 1_555 ? 
4 AC1 4 CYS A 8  ? CYS A 8  . ? 1_555 ? 
5 AC1 4 HIS A 21 ? HIS A 21 . ? 1_555 ? 
6 AC1 4 HIS A 25 ? HIS A 25 . ? 1_555 ? 
# 
loop_
_pdbx_validate_torsion.id 
_pdbx_validate_torsion.PDB_model_num 
_pdbx_validate_torsion.auth_comp_id 
_pdbx_validate_torsion.auth_asym_id 
_pdbx_validate_torsion.auth_seq_id 
_pdbx_validate_torsion.PDB_ins_code 
_pdbx_validate_torsion.label_alt_id 
_pdbx_validate_torsion.phi 
_pdbx_validate_torsion.psi 
1 1 LYS A 2  ? ? 53.18  -163.29 
2 1 ALA A 4  ? ? 171.48 139.84  
3 1 CYS A 5  ? ? -38.31 100.74  
4 1 PRO A 9  ? ? -65.61 80.18   
5 1 ASP A 16 ? ? -73.59 -74.30  
6 1 LYS A 28 ? ? 43.89  -171.56 
# 
loop_
_pdbx_validate_planes.id 
_pdbx_validate_planes.PDB_model_num 
_pdbx_validate_planes.auth_comp_id 
_pdbx_validate_planes.auth_asym_id 
_pdbx_validate_planes.auth_seq_id 
_pdbx_validate_planes.PDB_ins_code 
_pdbx_validate_planes.label_alt_id 
_pdbx_validate_planes.rmsd 
_pdbx_validate_planes.type 
1 1 ARG A 11 ? ? 0.316 'SIDE CHAIN' 
2 1 ARG A 14 ? ? 0.232 'SIDE CHAIN' 
# 
_pdbx_nmr_ensemble.entry_id                             1SP1 
_pdbx_nmr_ensemble.conformers_calculated_total_number   100 
_pdbx_nmr_ensemble.conformers_submitted_total_number    1 
_pdbx_nmr_ensemble.conformer_selection_criteria         'MEAN STRUCTURE' 
# 
_pdbx_nmr_exptl_sample_conditions.conditions_id       1 
_pdbx_nmr_exptl_sample_conditions.temperature         278 
_pdbx_nmr_exptl_sample_conditions.pressure            ? 
_pdbx_nmr_exptl_sample_conditions.pH                  5.9 
_pdbx_nmr_exptl_sample_conditions.ionic_strength      ? 
_pdbx_nmr_exptl_sample_conditions.pressure_units      . 
_pdbx_nmr_exptl_sample_conditions.temperature_units   K 
# 
loop_
_pdbx_nmr_exptl.experiment_id 
_pdbx_nmr_exptl.conditions_id 
_pdbx_nmr_exptl.type 
_pdbx_nmr_exptl.solution_id 
1 1 NOESY 1 
2 1 COSY  1 
3 1 TOCSY 1 
# 
_pdbx_nmr_refine.entry_id           1SP1 
_pdbx_nmr_refine.method             'DISTANCE GEOMETRY, SIMULATED ANNEALING' 
_pdbx_nmr_refine.details            'MULTIPLE ROUNDS OF SIMULATED ANNEALING REFINEMENT PROTOCOL OF X-PLOR' 
_pdbx_nmr_refine.software_ordinal   1 
# 
loop_
_pdbx_nmr_software.classification 
_pdbx_nmr_software.name 
_pdbx_nmr_software.version 
_pdbx_nmr_software.authors 
_pdbx_nmr_software.ordinal 
refinement           X-PLOR ? BRUNGER 1 
'structure solution' Felix  ? ?       2 
'structure solution' XPLOR  ? ?       3 
# 
loop_
_chem_comp_atom.comp_id 
_chem_comp_atom.atom_id 
_chem_comp_atom.type_symbol 
_chem_comp_atom.pdbx_aromatic_flag 
_chem_comp_atom.pdbx_stereo_config 
_chem_comp_atom.pdbx_ordinal 
ALA N    N  N N 1   
ALA CA   C  N S 2   
ALA C    C  N N 3   
ALA O    O  N N 4   
ALA CB   C  N N 5   
ALA OXT  O  N N 6   
ALA H    H  N N 7   
ALA H2   H  N N 8   
ALA HA   H  N N 9   
ALA HB1  H  N N 10  
ALA HB2  H  N N 11  
ALA HB3  H  N N 12  
ALA HXT  H  N N 13  
ARG N    N  N N 14  
ARG CA   C  N S 15  
ARG C    C  N N 16  
ARG O    O  N N 17  
ARG CB   C  N N 18  
ARG CG   C  N N 19  
ARG CD   C  N N 20  
ARG NE   N  N N 21  
ARG CZ   C  N N 22  
ARG NH1  N  N N 23  
ARG NH2  N  N N 24  
ARG OXT  O  N N 25  
ARG H    H  N N 26  
ARG H2   H  N N 27  
ARG HA   H  N N 28  
ARG HB2  H  N N 29  
ARG HB3  H  N N 30  
ARG HG2  H  N N 31  
ARG HG3  H  N N 32  
ARG HD2  H  N N 33  
ARG HD3  H  N N 34  
ARG HE   H  N N 35  
ARG HH11 H  N N 36  
ARG HH12 H  N N 37  
ARG HH21 H  N N 38  
ARG HH22 H  N N 39  
ARG HXT  H  N N 40  
ASN N    N  N N 41  
ASN CA   C  N S 42  
ASN C    C  N N 43  
ASN O    O  N N 44  
ASN CB   C  N N 45  
ASN CG   C  N N 46  
ASN OD1  O  N N 47  
ASN ND2  N  N N 48  
ASN OXT  O  N N 49  
ASN H    H  N N 50  
ASN H2   H  N N 51  
ASN HA   H  N N 52  
ASN HB2  H  N N 53  
ASN HB3  H  N N 54  
ASN HD21 H  N N 55  
ASN HD22 H  N N 56  
ASN HXT  H  N N 57  
ASP N    N  N N 58  
ASP CA   C  N S 59  
ASP C    C  N N 60  
ASP O    O  N N 61  
ASP CB   C  N N 62  
ASP CG   C  N N 63  
ASP OD1  O  N N 64  
ASP OD2  O  N N 65  
ASP OXT  O  N N 66  
ASP H    H  N N 67  
ASP H2   H  N N 68  
ASP HA   H  N N 69  
ASP HB2  H  N N 70  
ASP HB3  H  N N 71  
ASP HD2  H  N N 72  
ASP HXT  H  N N 73  
CYS N    N  N N 74  
CYS CA   C  N R 75  
CYS C    C  N N 76  
CYS O    O  N N 77  
CYS CB   C  N N 78  
CYS SG   S  N N 79  
CYS OXT  O  N N 80  
CYS H    H  N N 81  
CYS H2   H  N N 82  
CYS HA   H  N N 83  
CYS HB2  H  N N 84  
CYS HB3  H  N N 85  
CYS HG   H  N N 86  
CYS HXT  H  N N 87  
GLN N    N  N N 88  
GLN CA   C  N S 89  
GLN C    C  N N 90  
GLN O    O  N N 91  
GLN CB   C  N N 92  
GLN CG   C  N N 93  
GLN CD   C  N N 94  
GLN OE1  O  N N 95  
GLN NE2  N  N N 96  
GLN OXT  O  N N 97  
GLN H    H  N N 98  
GLN H2   H  N N 99  
GLN HA   H  N N 100 
GLN HB2  H  N N 101 
GLN HB3  H  N N 102 
GLN HG2  H  N N 103 
GLN HG3  H  N N 104 
GLN HE21 H  N N 105 
GLN HE22 H  N N 106 
GLN HXT  H  N N 107 
GLU N    N  N N 108 
GLU CA   C  N S 109 
GLU C    C  N N 110 
GLU O    O  N N 111 
GLU CB   C  N N 112 
GLU CG   C  N N 113 
GLU CD   C  N N 114 
GLU OE1  O  N N 115 
GLU OE2  O  N N 116 
GLU OXT  O  N N 117 
GLU H    H  N N 118 
GLU H2   H  N N 119 
GLU HA   H  N N 120 
GLU HB2  H  N N 121 
GLU HB3  H  N N 122 
GLU HG2  H  N N 123 
GLU HG3  H  N N 124 
GLU HE2  H  N N 125 
GLU HXT  H  N N 126 
HIS N    N  N N 127 
HIS CA   C  N S 128 
HIS C    C  N N 129 
HIS O    O  N N 130 
HIS CB   C  N N 131 
HIS CG   C  Y N 132 
HIS ND1  N  Y N 133 
HIS CD2  C  Y N 134 
HIS CE1  C  Y N 135 
HIS NE2  N  Y N 136 
HIS OXT  O  N N 137 
HIS H    H  N N 138 
HIS H2   H  N N 139 
HIS HA   H  N N 140 
HIS HB2  H  N N 141 
HIS HB3  H  N N 142 
HIS HD1  H  N N 143 
HIS HD2  H  N N 144 
HIS HE1  H  N N 145 
HIS HE2  H  N N 146 
HIS HXT  H  N N 147 
ILE N    N  N N 148 
ILE CA   C  N S 149 
ILE C    C  N N 150 
ILE O    O  N N 151 
ILE CB   C  N S 152 
ILE CG1  C  N N 153 
ILE CG2  C  N N 154 
ILE CD1  C  N N 155 
ILE OXT  O  N N 156 
ILE H    H  N N 157 
ILE H2   H  N N 158 
ILE HA   H  N N 159 
ILE HB   H  N N 160 
ILE HG12 H  N N 161 
ILE HG13 H  N N 162 
ILE HG21 H  N N 163 
ILE HG22 H  N N 164 
ILE HG23 H  N N 165 
ILE HD11 H  N N 166 
ILE HD12 H  N N 167 
ILE HD13 H  N N 168 
ILE HXT  H  N N 169 
LEU N    N  N N 170 
LEU CA   C  N S 171 
LEU C    C  N N 172 
LEU O    O  N N 173 
LEU CB   C  N N 174 
LEU CG   C  N N 175 
LEU CD1  C  N N 176 
LEU CD2  C  N N 177 
LEU OXT  O  N N 178 
LEU H    H  N N 179 
LEU H2   H  N N 180 
LEU HA   H  N N 181 
LEU HB2  H  N N 182 
LEU HB3  H  N N 183 
LEU HG   H  N N 184 
LEU HD11 H  N N 185 
LEU HD12 H  N N 186 
LEU HD13 H  N N 187 
LEU HD21 H  N N 188 
LEU HD22 H  N N 189 
LEU HD23 H  N N 190 
LEU HXT  H  N N 191 
LYS N    N  N N 192 
LYS CA   C  N S 193 
LYS C    C  N N 194 
LYS O    O  N N 195 
LYS CB   C  N N 196 
LYS CG   C  N N 197 
LYS CD   C  N N 198 
LYS CE   C  N N 199 
LYS NZ   N  N N 200 
LYS OXT  O  N N 201 
LYS H    H  N N 202 
LYS H2   H  N N 203 
LYS HA   H  N N 204 
LYS HB2  H  N N 205 
LYS HB3  H  N N 206 
LYS HG2  H  N N 207 
LYS HG3  H  N N 208 
LYS HD2  H  N N 209 
LYS HD3  H  N N 210 
LYS HE2  H  N N 211 
LYS HE3  H  N N 212 
LYS HZ1  H  N N 213 
LYS HZ2  H  N N 214 
LYS HZ3  H  N N 215 
LYS HXT  H  N N 216 
MET N    N  N N 217 
MET CA   C  N S 218 
MET C    C  N N 219 
MET O    O  N N 220 
MET CB   C  N N 221 
MET CG   C  N N 222 
MET SD   S  N N 223 
MET CE   C  N N 224 
MET OXT  O  N N 225 
MET H    H  N N 226 
MET H2   H  N N 227 
MET HA   H  N N 228 
MET HB2  H  N N 229 
MET HB3  H  N N 230 
MET HG2  H  N N 231 
MET HG3  H  N N 232 
MET HE1  H  N N 233 
MET HE2  H  N N 234 
MET HE3  H  N N 235 
MET HXT  H  N N 236 
PHE N    N  N N 237 
PHE CA   C  N S 238 
PHE C    C  N N 239 
PHE O    O  N N 240 
PHE CB   C  N N 241 
PHE CG   C  Y N 242 
PHE CD1  C  Y N 243 
PHE CD2  C  Y N 244 
PHE CE1  C  Y N 245 
PHE CE2  C  Y N 246 
PHE CZ   C  Y N 247 
PHE OXT  O  N N 248 
PHE H    H  N N 249 
PHE H2   H  N N 250 
PHE HA   H  N N 251 
PHE HB2  H  N N 252 
PHE HB3  H  N N 253 
PHE HD1  H  N N 254 
PHE HD2  H  N N 255 
PHE HE1  H  N N 256 
PHE HE2  H  N N 257 
PHE HZ   H  N N 258 
PHE HXT  H  N N 259 
PRO N    N  N N 260 
PRO CA   C  N S 261 
PRO C    C  N N 262 
PRO O    O  N N 263 
PRO CB   C  N N 264 
PRO CG   C  N N 265 
PRO CD   C  N N 266 
PRO OXT  O  N N 267 
PRO H    H  N N 268 
PRO HA   H  N N 269 
PRO HB2  H  N N 270 
PRO HB3  H  N N 271 
PRO HG2  H  N N 272 
PRO HG3  H  N N 273 
PRO HD2  H  N N 274 
PRO HD3  H  N N 275 
PRO HXT  H  N N 276 
SER N    N  N N 277 
SER CA   C  N S 278 
SER C    C  N N 279 
SER O    O  N N 280 
SER CB   C  N N 281 
SER OG   O  N N 282 
SER OXT  O  N N 283 
SER H    H  N N 284 
SER H2   H  N N 285 
SER HA   H  N N 286 
SER HB2  H  N N 287 
SER HB3  H  N N 288 
SER HG   H  N N 289 
SER HXT  H  N N 290 
THR N    N  N N 291 
THR CA   C  N S 292 
THR C    C  N N 293 
THR O    O  N N 294 
THR CB   C  N R 295 
THR OG1  O  N N 296 
THR CG2  C  N N 297 
THR OXT  O  N N 298 
THR H    H  N N 299 
THR H2   H  N N 300 
THR HA   H  N N 301 
THR HB   H  N N 302 
THR HG1  H  N N 303 
THR HG21 H  N N 304 
THR HG22 H  N N 305 
THR HG23 H  N N 306 
THR HXT  H  N N 307 
ZN  ZN   ZN N N 308 
# 
loop_
_chem_comp_bond.comp_id 
_chem_comp_bond.atom_id_1 
_chem_comp_bond.atom_id_2 
_chem_comp_bond.value_order 
_chem_comp_bond.pdbx_aromatic_flag 
_chem_comp_bond.pdbx_stereo_config 
_chem_comp_bond.pdbx_ordinal 
ALA N   CA   sing N N 1   
ALA N   H    sing N N 2   
ALA N   H2   sing N N 3   
ALA CA  C    sing N N 4   
ALA CA  CB   sing N N 5   
ALA CA  HA   sing N N 6   
ALA C   O    doub N N 7   
ALA C   OXT  sing N N 8   
ALA CB  HB1  sing N N 9   
ALA CB  HB2  sing N N 10  
ALA CB  HB3  sing N N 11  
ALA OXT HXT  sing N N 12  
ARG N   CA   sing N N 13  
ARG N   H    sing N N 14  
ARG N   H2   sing N N 15  
ARG CA  C    sing N N 16  
ARG CA  CB   sing N N 17  
ARG CA  HA   sing N N 18  
ARG C   O    doub N N 19  
ARG C   OXT  sing N N 20  
ARG CB  CG   sing N N 21  
ARG CB  HB2  sing N N 22  
ARG CB  HB3  sing N N 23  
ARG CG  CD   sing N N 24  
ARG CG  HG2  sing N N 25  
ARG CG  HG3  sing N N 26  
ARG CD  NE   sing N N 27  
ARG CD  HD2  sing N N 28  
ARG CD  HD3  sing N N 29  
ARG NE  CZ   sing N N 30  
ARG NE  HE   sing N N 31  
ARG CZ  NH1  sing N N 32  
ARG CZ  NH2  doub N N 33  
ARG NH1 HH11 sing N N 34  
ARG NH1 HH12 sing N N 35  
ARG NH2 HH21 sing N N 36  
ARG NH2 HH22 sing N N 37  
ARG OXT HXT  sing N N 38  
ASN N   CA   sing N N 39  
ASN N   H    sing N N 40  
ASN N   H2   sing N N 41  
ASN CA  C    sing N N 42  
ASN CA  CB   sing N N 43  
ASN CA  HA   sing N N 44  
ASN C   O    doub N N 45  
ASN C   OXT  sing N N 46  
ASN CB  CG   sing N N 47  
ASN CB  HB2  sing N N 48  
ASN CB  HB3  sing N N 49  
ASN CG  OD1  doub N N 50  
ASN CG  ND2  sing N N 51  
ASN ND2 HD21 sing N N 52  
ASN ND2 HD22 sing N N 53  
ASN OXT HXT  sing N N 54  
ASP N   CA   sing N N 55  
ASP N   H    sing N N 56  
ASP N   H2   sing N N 57  
ASP CA  C    sing N N 58  
ASP CA  CB   sing N N 59  
ASP CA  HA   sing N N 60  
ASP C   O    doub N N 61  
ASP C   OXT  sing N N 62  
ASP CB  CG   sing N N 63  
ASP CB  HB2  sing N N 64  
ASP CB  HB3  sing N N 65  
ASP CG  OD1  doub N N 66  
ASP CG  OD2  sing N N 67  
ASP OD2 HD2  sing N N 68  
ASP OXT HXT  sing N N 69  
CYS N   CA   sing N N 70  
CYS N   H    sing N N 71  
CYS N   H2   sing N N 72  
CYS CA  C    sing N N 73  
CYS CA  CB   sing N N 74  
CYS CA  HA   sing N N 75  
CYS C   O    doub N N 76  
CYS C   OXT  sing N N 77  
CYS CB  SG   sing N N 78  
CYS CB  HB2  sing N N 79  
CYS CB  HB3  sing N N 80  
CYS SG  HG   sing N N 81  
CYS OXT HXT  sing N N 82  
GLN N   CA   sing N N 83  
GLN N   H    sing N N 84  
GLN N   H2   sing N N 85  
GLN CA  C    sing N N 86  
GLN CA  CB   sing N N 87  
GLN CA  HA   sing N N 88  
GLN C   O    doub N N 89  
GLN C   OXT  sing N N 90  
GLN CB  CG   sing N N 91  
GLN CB  HB2  sing N N 92  
GLN CB  HB3  sing N N 93  
GLN CG  CD   sing N N 94  
GLN CG  HG2  sing N N 95  
GLN CG  HG3  sing N N 96  
GLN CD  OE1  doub N N 97  
GLN CD  NE2  sing N N 98  
GLN NE2 HE21 sing N N 99  
GLN NE2 HE22 sing N N 100 
GLN OXT HXT  sing N N 101 
GLU N   CA   sing N N 102 
GLU N   H    sing N N 103 
GLU N   H2   sing N N 104 
GLU CA  C    sing N N 105 
GLU CA  CB   sing N N 106 
GLU CA  HA   sing N N 107 
GLU C   O    doub N N 108 
GLU C   OXT  sing N N 109 
GLU CB  CG   sing N N 110 
GLU CB  HB2  sing N N 111 
GLU CB  HB3  sing N N 112 
GLU CG  CD   sing N N 113 
GLU CG  HG2  sing N N 114 
GLU CG  HG3  sing N N 115 
GLU CD  OE1  doub N N 116 
GLU CD  OE2  sing N N 117 
GLU OE2 HE2  sing N N 118 
GLU OXT HXT  sing N N 119 
HIS N   CA   sing N N 120 
HIS N   H    sing N N 121 
HIS N   H2   sing N N 122 
HIS CA  C    sing N N 123 
HIS CA  CB   sing N N 124 
HIS CA  HA   sing N N 125 
HIS C   O    doub N N 126 
HIS C   OXT  sing N N 127 
HIS CB  CG   sing N N 128 
HIS CB  HB2  sing N N 129 
HIS CB  HB3  sing N N 130 
HIS CG  ND1  sing Y N 131 
HIS CG  CD2  doub Y N 132 
HIS ND1 CE1  doub Y N 133 
HIS ND1 HD1  sing N N 134 
HIS CD2 NE2  sing Y N 135 
HIS CD2 HD2  sing N N 136 
HIS CE1 NE2  sing Y N 137 
HIS CE1 HE1  sing N N 138 
HIS NE2 HE2  sing N N 139 
HIS OXT HXT  sing N N 140 
ILE N   CA   sing N N 141 
ILE N   H    sing N N 142 
ILE N   H2   sing N N 143 
ILE CA  C    sing N N 144 
ILE CA  CB   sing N N 145 
ILE CA  HA   sing N N 146 
ILE C   O    doub N N 147 
ILE C   OXT  sing N N 148 
ILE CB  CG1  sing N N 149 
ILE CB  CG2  sing N N 150 
ILE CB  HB   sing N N 151 
ILE CG1 CD1  sing N N 152 
ILE CG1 HG12 sing N N 153 
ILE CG1 HG13 sing N N 154 
ILE CG2 HG21 sing N N 155 
ILE CG2 HG22 sing N N 156 
ILE CG2 HG23 sing N N 157 
ILE CD1 HD11 sing N N 158 
ILE CD1 HD12 sing N N 159 
ILE CD1 HD13 sing N N 160 
ILE OXT HXT  sing N N 161 
LEU N   CA   sing N N 162 
LEU N   H    sing N N 163 
LEU N   H2   sing N N 164 
LEU CA  C    sing N N 165 
LEU CA  CB   sing N N 166 
LEU CA  HA   sing N N 167 
LEU C   O    doub N N 168 
LEU C   OXT  sing N N 169 
LEU CB  CG   sing N N 170 
LEU CB  HB2  sing N N 171 
LEU CB  HB3  sing N N 172 
LEU CG  CD1  sing N N 173 
LEU CG  CD2  sing N N 174 
LEU CG  HG   sing N N 175 
LEU CD1 HD11 sing N N 176 
LEU CD1 HD12 sing N N 177 
LEU CD1 HD13 sing N N 178 
LEU CD2 HD21 sing N N 179 
LEU CD2 HD22 sing N N 180 
LEU CD2 HD23 sing N N 181 
LEU OXT HXT  sing N N 182 
LYS N   CA   sing N N 183 
LYS N   H    sing N N 184 
LYS N   H2   sing N N 185 
LYS CA  C    sing N N 186 
LYS CA  CB   sing N N 187 
LYS CA  HA   sing N N 188 
LYS C   O    doub N N 189 
LYS C   OXT  sing N N 190 
LYS CB  CG   sing N N 191 
LYS CB  HB2  sing N N 192 
LYS CB  HB3  sing N N 193 
LYS CG  CD   sing N N 194 
LYS CG  HG2  sing N N 195 
LYS CG  HG3  sing N N 196 
LYS CD  CE   sing N N 197 
LYS CD  HD2  sing N N 198 
LYS CD  HD3  sing N N 199 
LYS CE  NZ   sing N N 200 
LYS CE  HE2  sing N N 201 
LYS CE  HE3  sing N N 202 
LYS NZ  HZ1  sing N N 203 
LYS NZ  HZ2  sing N N 204 
LYS NZ  HZ3  sing N N 205 
LYS OXT HXT  sing N N 206 
MET N   CA   sing N N 207 
MET N   H    sing N N 208 
MET N   H2   sing N N 209 
MET CA  C    sing N N 210 
MET CA  CB   sing N N 211 
MET CA  HA   sing N N 212 
MET C   O    doub N N 213 
MET C   OXT  sing N N 214 
MET CB  CG   sing N N 215 
MET CB  HB2  sing N N 216 
MET CB  HB3  sing N N 217 
MET CG  SD   sing N N 218 
MET CG  HG2  sing N N 219 
MET CG  HG3  sing N N 220 
MET SD  CE   sing N N 221 
MET CE  HE1  sing N N 222 
MET CE  HE2  sing N N 223 
MET CE  HE3  sing N N 224 
MET OXT HXT  sing N N 225 
PHE N   CA   sing N N 226 
PHE N   H    sing N N 227 
PHE N   H2   sing N N 228 
PHE CA  C    sing N N 229 
PHE CA  CB   sing N N 230 
PHE CA  HA   sing N N 231 
PHE C   O    doub N N 232 
PHE C   OXT  sing N N 233 
PHE CB  CG   sing N N 234 
PHE CB  HB2  sing N N 235 
PHE CB  HB3  sing N N 236 
PHE CG  CD1  doub Y N 237 
PHE CG  CD2  sing Y N 238 
PHE CD1 CE1  sing Y N 239 
PHE CD1 HD1  sing N N 240 
PHE CD2 CE2  doub Y N 241 
PHE CD2 HD2  sing N N 242 
PHE CE1 CZ   doub Y N 243 
PHE CE1 HE1  sing N N 244 
PHE CE2 CZ   sing Y N 245 
PHE CE2 HE2  sing N N 246 
PHE CZ  HZ   sing N N 247 
PHE OXT HXT  sing N N 248 
PRO N   CA   sing N N 249 
PRO N   CD   sing N N 250 
PRO N   H    sing N N 251 
PRO CA  C    sing N N 252 
PRO CA  CB   sing N N 253 
PRO CA  HA   sing N N 254 
PRO C   O    doub N N 255 
PRO C   OXT  sing N N 256 
PRO CB  CG   sing N N 257 
PRO CB  HB2  sing N N 258 
PRO CB  HB3  sing N N 259 
PRO CG  CD   sing N N 260 
PRO CG  HG2  sing N N 261 
PRO CG  HG3  sing N N 262 
PRO CD  HD2  sing N N 263 
PRO CD  HD3  sing N N 264 
PRO OXT HXT  sing N N 265 
SER N   CA   sing N N 266 
SER N   H    sing N N 267 
SER N   H2   sing N N 268 
SER CA  C    sing N N 269 
SER CA  CB   sing N N 270 
SER CA  HA   sing N N 271 
SER C   O    doub N N 272 
SER C   OXT  sing N N 273 
SER CB  OG   sing N N 274 
SER CB  HB2  sing N N 275 
SER CB  HB3  sing N N 276 
SER OG  HG   sing N N 277 
SER OXT HXT  sing N N 278 
THR N   CA   sing N N 279 
THR N   H    sing N N 280 
THR N   H2   sing N N 281 
THR CA  C    sing N N 282 
THR CA  CB   sing N N 283 
THR CA  HA   sing N N 284 
THR C   O    doub N N 285 
THR C   OXT  sing N N 286 
THR CB  OG1  sing N N 287 
THR CB  CG2  sing N N 288 
THR CB  HB   sing N N 289 
THR OG1 HG1  sing N N 290 
THR CG2 HG21 sing N N 291 
THR CG2 HG22 sing N N 292 
THR CG2 HG23 sing N N 293 
THR OXT HXT  sing N N 294 
# 
_pdbx_nmr_spectrometer.spectrometer_id   1 
_pdbx_nmr_spectrometer.model             AM500 
_pdbx_nmr_spectrometer.manufacturer      Bruker 
_pdbx_nmr_spectrometer.field_strength    500 
# 
_atom_sites.entry_id                    1SP1 
_atom_sites.fract_transf_matrix[1][1]   1.000000 
_atom_sites.fract_transf_matrix[1][2]   0.000000 
_atom_sites.fract_transf_matrix[1][3]   0.000000 
_atom_sites.fract_transf_matrix[2][1]   0.000000 
_atom_sites.fract_transf_matrix[2][2]   1.000000 
_atom_sites.fract_transf_matrix[2][3]   0.000000 
_atom_sites.fract_transf_matrix[3][1]   0.000000 
_atom_sites.fract_transf_matrix[3][2]   0.000000 
_atom_sites.fract_transf_matrix[3][3]   1.000000 
_atom_sites.fract_transf_vector[1]      0.00000 
_atom_sites.fract_transf_vector[2]      0.00000 
_atom_sites.fract_transf_vector[3]      0.00000 
# 
loop_
_atom_type.symbol 
C  
H  
N  
O  
S  
ZN 
# 
loop_
_atom_site.group_PDB 
_atom_site.id 
_atom_site.type_symbol 
_atom_site.label_atom_id 
_atom_site.label_alt_id 
_atom_site.label_comp_id 
_atom_site.label_asym_id 
_atom_site.label_entity_id 
_atom_site.label_seq_id 
_atom_site.pdbx_PDB_ins_code 
_atom_site.Cartn_x 
_atom_site.Cartn_y 
_atom_site.Cartn_z 
_atom_site.occupancy 
_atom_site.B_iso_or_equiv 
_atom_site.pdbx_formal_charge 
_atom_site.auth_seq_id 
_atom_site.auth_comp_id 
_atom_site.auth_asym_id 
_atom_site.auth_atom_id 
_atom_site.pdbx_PDB_model_num 
ATOM   1   N  N    . LYS A 1 1  ? -3.069  12.075  -1.291  1.00 3.73 ? 1  LYS A N    1 
ATOM   2   C  CA   . LYS A 1 1  ? -2.466  12.556  -2.565  1.00 3.24 ? 1  LYS A CA   1 
ATOM   3   C  C    . LYS A 1 1  ? -1.434  11.540  -3.058  1.00 2.50 ? 1  LYS A C    1 
ATOM   4   O  O    . LYS A 1 1  ? -0.971  10.700  -2.312  1.00 2.93 ? 1  LYS A O    1 
ATOM   5   C  CB   . LYS A 1 1  ? -1.782  13.904  -2.329  1.00 4.01 ? 1  LYS A CB   1 
ATOM   6   C  CG   . LYS A 1 1  ? -2.635  15.023  -2.929  1.00 4.89 ? 1  LYS A CG   1 
ATOM   7   C  CD   . LYS A 1 1  ? -3.164  15.920  -1.808  1.00 5.64 ? 1  LYS A CD   1 
ATOM   8   C  CE   . LYS A 1 1  ? -4.562  16.424  -2.172  1.00 6.34 ? 1  LYS A CE   1 
ATOM   9   N  NZ   . LYS A 1 1  ? -4.489  17.867  -2.538  1.00 7.07 ? 1  LYS A NZ   1 
ATOM   10  H  H1   . LYS A 1 1  ? -2.629  11.173  -1.017  1.00 4.02 ? 1  LYS A H1   1 
ATOM   11  H  H2   . LYS A 1 1  ? -2.908  12.777  -0.543  1.00 4.06 ? 1  LYS A H2   1 
ATOM   12  H  H3   . LYS A 1 1  ? -4.092  11.937  -1.423  1.00 4.01 ? 1  LYS A H3   1 
ATOM   13  H  HA   . LYS A 1 1  ? -3.240  12.672  -3.309  1.00 3.44 ? 1  LYS A HA   1 
ATOM   14  H  HB2  . LYS A 1 1  ? -1.667  14.067  -1.266  1.00 4.34 ? 1  LYS A HB2  1 
ATOM   15  H  HB3  . LYS A 1 1  ? -0.810  13.903  -2.800  1.00 4.13 ? 1  LYS A HB3  1 
ATOM   16  H  HG2  . LYS A 1 1  ? -2.033  15.610  -3.607  1.00 5.12 ? 1  LYS A HG2  1 
ATOM   17  H  HG3  . LYS A 1 1  ? -3.467  14.593  -3.466  1.00 5.17 ? 1  LYS A HG3  1 
ATOM   18  H  HD2  . LYS A 1 1  ? -3.212  15.355  -0.888  1.00 5.67 ? 1  LYS A HD2  1 
ATOM   19  H  HD3  . LYS A 1 1  ? -2.502  16.762  -1.679  1.00 6.03 ? 1  LYS A HD3  1 
ATOM   20  H  HE2  . LYS A 1 1  ? -4.942  15.859  -3.011  1.00 6.57 ? 1  LYS A HE2  1 
ATOM   21  H  HE3  . LYS A 1 1  ? -5.221  16.300  -1.325  1.00 6.42 ? 1  LYS A HE3  1 
ATOM   22  H  HZ1  . LYS A 1 1  ? -3.507  18.119  -2.767  1.00 7.43 ? 1  LYS A HZ1  1 
ATOM   23  H  HZ2  . LYS A 1 1  ? -5.095  18.046  -3.364  1.00 7.28 ? 1  LYS A HZ2  1 
ATOM   24  H  HZ3  . LYS A 1 1  ? -4.814  18.445  -1.737  1.00 7.27 ? 1  LYS A HZ3  1 
ATOM   25  N  N    . LYS A 1 2  ? -1.071  11.609  -4.311  1.00 1.97 ? 2  LYS A N    1 
ATOM   26  C  CA   . LYS A 1 2  ? -0.070  10.645  -4.849  1.00 1.60 ? 2  LYS A CA   1 
ATOM   27  C  C    . LYS A 1 2  ? -0.523  9.216   -4.542  1.00 1.31 ? 2  LYS A C    1 
ATOM   28  O  O    . LYS A 1 2  ? -1.670  8.973   -4.224  1.00 1.87 ? 2  LYS A O    1 
ATOM   29  C  CB   . LYS A 1 2  ? 1.287   10.901  -4.191  1.00 2.05 ? 2  LYS A CB   1 
ATOM   30  C  CG   . LYS A 1 2  ? 1.618   12.393  -4.268  1.00 2.63 ? 2  LYS A CG   1 
ATOM   31  C  CD   . LYS A 1 2  ? 3.090   12.607  -3.911  1.00 3.34 ? 2  LYS A CD   1 
ATOM   32  C  CE   . LYS A 1 2  ? 3.887   12.902  -5.182  1.00 4.08 ? 2  LYS A CE   1 
ATOM   33  N  NZ   . LYS A 1 2  ? 5.342   12.936  -4.860  1.00 4.73 ? 2  LYS A NZ   1 
ATOM   34  H  H    . LYS A 1 2  ? -1.456  12.293  -4.896  1.00 2.35 ? 2  LYS A H    1 
ATOM   35  H  HA   . LYS A 1 2  ? 0.018   10.775  -5.917  1.00 2.09 ? 2  LYS A HA   1 
ATOM   36  H  HB2  . LYS A 1 2  ? 1.249   10.593  -3.155  1.00 2.45 ? 2  LYS A HB2  1 
ATOM   37  H  HB3  . LYS A 1 2  ? 2.049   10.337  -4.707  1.00 2.46 ? 2  LYS A HB3  1 
ATOM   38  H  HG2  . LYS A 1 2  ? 1.435   12.750  -5.271  1.00 3.00 ? 2  LYS A HG2  1 
ATOM   39  H  HG3  . LYS A 1 2  ? 0.999   12.937  -3.572  1.00 2.91 ? 2  LYS A HG3  1 
ATOM   40  H  HD2  . LYS A 1 2  ? 3.177   13.439  -3.228  1.00 3.54 ? 2  LYS A HD2  1 
ATOM   41  H  HD3  . LYS A 1 2  ? 3.481   11.714  -3.443  1.00 3.69 ? 2  LYS A HD3  1 
ATOM   42  H  HE2  . LYS A 1 2  ? 3.700   12.129  -5.913  1.00 4.34 ? 2  LYS A HE2  1 
ATOM   43  H  HE3  . LYS A 1 2  ? 3.584   13.858  -5.584  1.00 4.40 ? 2  LYS A HE3  1 
ATOM   44  H  HZ1  . LYS A 1 2  ? 5.467   12.994  -3.830  1.00 5.02 ? 2  LYS A HZ1  1 
ATOM   45  H  HZ2  . LYS A 1 2  ? 5.796   12.071  -5.218  1.00 4.97 ? 2  LYS A HZ2  1 
ATOM   46  H  HZ3  . LYS A 1 2  ? 5.777   13.768  -5.307  1.00 5.05 ? 2  LYS A HZ3  1 
ATOM   47  N  N    . PHE A 1 3  ? 0.368   8.268   -4.636  1.00 1.28 ? 3  PHE A N    1 
ATOM   48  C  CA   . PHE A 1 3  ? -0.015  6.856   -4.349  1.00 1.10 ? 3  PHE A CA   1 
ATOM   49  C  C    . PHE A 1 3  ? 0.328   6.520   -2.897  1.00 0.97 ? 3  PHE A C    1 
ATOM   50  O  O    . PHE A 1 3  ? 1.257   7.057   -2.327  1.00 1.45 ? 3  PHE A O    1 
ATOM   51  C  CB   . PHE A 1 3  ? 0.747   5.915   -5.285  1.00 1.24 ? 3  PHE A CB   1 
ATOM   52  C  CG   . PHE A 1 3  ? 2.170   6.392   -5.438  1.00 1.11 ? 3  PHE A CG   1 
ATOM   53  C  CD1  . PHE A 1 3  ? 3.048   6.340   -4.347  1.00 1.85 ? 3  PHE A CD1  1 
ATOM   54  C  CD2  . PHE A 1 3  ? 2.613   6.887   -6.670  1.00 1.63 ? 3  PHE A CD2  1 
ATOM   55  C  CE1  . PHE A 1 3  ? 4.368   6.784   -4.490  1.00 2.30 ? 3  PHE A CE1  1 
ATOM   56  C  CE2  . PHE A 1 3  ? 3.934   7.330   -6.813  1.00 2.12 ? 3  PHE A CE2  1 
ATOM   57  C  CZ   . PHE A 1 3  ? 4.812   7.279   -5.723  1.00 2.22 ? 3  PHE A CZ   1 
ATOM   58  H  H    . PHE A 1 3  ? 1.289   8.484   -4.894  1.00 1.87 ? 3  PHE A H    1 
ATOM   59  H  HA   . PHE A 1 3  ? -1.077  6.735   -4.504  1.00 1.35 ? 3  PHE A HA   1 
ATOM   60  H  HB2  . PHE A 1 3  ? 0.744   4.917   -4.871  1.00 1.67 ? 3  PHE A HB2  1 
ATOM   61  H  HB3  . PHE A 1 3  ? 0.267   5.904   -6.253  1.00 1.78 ? 3  PHE A HB3  1 
ATOM   62  H  HD1  . PHE A 1 3  ? 2.706   5.959   -3.397  1.00 2.53 ? 3  PHE A HD1  1 
ATOM   63  H  HD2  . PHE A 1 3  ? 1.936   6.927   -7.510  1.00 2.24 ? 3  PHE A HD2  1 
ATOM   64  H  HE1  . PHE A 1 3  ? 5.045   6.744   -3.650  1.00 3.11 ? 3  PHE A HE1  1 
ATOM   65  H  HE2  . PHE A 1 3  ? 4.275   7.712   -7.764  1.00 2.87 ? 3  PHE A HE2  1 
ATOM   66  H  HZ   . PHE A 1 3  ? 5.830   7.622   -5.834  1.00 2.80 ? 3  PHE A HZ   1 
ATOM   67  N  N    . ALA A 1 4  ? -0.416  5.634   -2.294  1.00 0.85 ? 4  ALA A N    1 
ATOM   68  C  CA   . ALA A 1 4  ? -0.138  5.261   -0.878  1.00 0.69 ? 4  ALA A CA   1 
ATOM   69  C  C    . ALA A 1 4  ? -1.271  4.376   -0.356  1.00 0.68 ? 4  ALA A C    1 
ATOM   70  O  O    . ALA A 1 4  ? -2.428  4.607   -0.645  1.00 0.82 ? 4  ALA A O    1 
ATOM   71  C  CB   . ALA A 1 4  ? -0.046  6.529   -0.027  1.00 0.79 ? 4  ALA A CB   1 
ATOM   72  H  H    . ALA A 1 4  ? -1.160  5.213   -2.773  1.00 1.25 ? 4  ALA A H    1 
ATOM   73  H  HA   . ALA A 1 4  ? 0.797   4.720   -0.824  1.00 0.69 ? 4  ALA A HA   1 
ATOM   74  H  HB1  . ALA A 1 4  ? -0.487  7.355   -0.563  1.00 1.30 ? 4  ALA A HB1  1 
ATOM   75  H  HB2  . ALA A 1 4  ? -0.576  6.378   0.902   1.00 1.31 ? 4  ALA A HB2  1 
ATOM   76  H  HB3  . ALA A 1 4  ? 0.991   6.748   0.182   1.00 1.26 ? 4  ALA A HB3  1 
ATOM   77  N  N    . CYS A 1 5  ? -0.946  3.363   0.404   1.00 0.59 ? 5  CYS A N    1 
ATOM   78  C  CA   . CYS A 1 5  ? -1.997  2.455   0.943   1.00 0.69 ? 5  CYS A CA   1 
ATOM   79  C  C    . CYS A 1 5  ? -3.244  3.248   1.338   1.00 0.82 ? 5  CYS A C    1 
ATOM   80  O  O    . CYS A 1 5  ? -3.286  3.836   2.400   1.00 0.82 ? 5  CYS A O    1 
ATOM   81  C  CB   . CYS A 1 5  ? -1.467  1.743   2.187   1.00 0.66 ? 5  CYS A CB   1 
ATOM   82  S  SG   . CYS A 1 5  ? -2.579  0.389   2.623   1.00 0.89 ? 5  CYS A SG   1 
ATOM   83  H  H    . CYS A 1 5  ? -0.004  3.193   0.616   1.00 0.53 ? 5  CYS A H    1 
ATOM   84  H  HA   . CYS A 1 5  ? -2.255  1.719   0.198   1.00 0.77 ? 5  CYS A HA   1 
ATOM   85  H  HB2  . CYS A 1 5  ? -0.491  1.356   1.989   1.00 0.64 ? 5  CYS A HB2  1 
ATOM   86  H  HB3  . CYS A 1 5  ? -1.411  2.438   3.007   1.00 0.63 ? 5  CYS A HB3  1 
ATOM   87  N  N    . PRO A 1 6  ? -4.236  3.222   0.485   1.00 0.97 ? 6  PRO A N    1 
ATOM   88  C  CA   . PRO A 1 6  ? -5.502  3.916   0.757   1.00 1.13 ? 6  PRO A CA   1 
ATOM   89  C  C    . PRO A 1 6  ? -6.144  3.303   2.003   1.00 1.18 ? 6  PRO A C    1 
ATOM   90  O  O    . PRO A 1 6  ? -7.068  3.846   2.576   1.00 1.28 ? 6  PRO A O    1 
ATOM   91  C  CB   . PRO A 1 6  ? -6.367  3.660   -0.485  1.00 1.29 ? 6  PRO A CB   1 
ATOM   92  C  CG   . PRO A 1 6  ? -5.539  2.786   -1.462  1.00 1.21 ? 6  PRO A CG   1 
ATOM   93  C  CD   . PRO A 1 6  ? -4.178  2.510   -0.803  1.00 1.01 ? 6  PRO A CD   1 
ATOM   94  H  HA   . PRO A 1 6  ? -5.340  4.974   0.889   1.00 1.12 ? 6  PRO A HA   1 
ATOM   95  H  HB2  . PRO A 1 6  ? -7.272  3.140   -0.200  1.00 1.41 ? 6  PRO A HB2  1 
ATOM   96  H  HB3  . PRO A 1 6  ? -6.615  4.597   -0.960  1.00 1.35 ? 6  PRO A HB3  1 
ATOM   97  H  HG2  . PRO A 1 6  ? -6.055  1.854   -1.648  1.00 1.32 ? 6  PRO A HG2  1 
ATOM   98  H  HG3  . PRO A 1 6  ? -5.390  3.314   -2.392  1.00 1.23 ? 6  PRO A HG3  1 
ATOM   99  H  HD2  . PRO A 1 6  ? -4.047  1.448   -0.643  1.00 1.02 ? 6  PRO A HD2  1 
ATOM   100 H  HD3  . PRO A 1 6  ? -3.378  2.903   -1.410  1.00 0.93 ? 6  PRO A HD3  1 
ATOM   101 N  N    . GLU A 1 7  ? -5.651  2.166   2.425   1.00 1.12 ? 7  GLU A N    1 
ATOM   102 C  CA   . GLU A 1 7  ? -6.216  1.499   3.629   1.00 1.20 ? 7  GLU A CA   1 
ATOM   103 C  C    . GLU A 1 7  ? -5.686  2.177   4.891   1.00 1.09 ? 7  GLU A C    1 
ATOM   104 O  O    . GLU A 1 7  ? -6.440  2.517   5.781   1.00 1.19 ? 7  GLU A O    1 
ATOM   105 C  CB   . GLU A 1 7  ? -5.809  0.024   3.631   1.00 1.24 ? 7  GLU A CB   1 
ATOM   106 C  CG   . GLU A 1 7  ? -5.953  -0.545  2.219   1.00 1.78 ? 7  GLU A CG   1 
ATOM   107 C  CD   . GLU A 1 7  ? -6.523  -1.963  2.297   1.00 2.00 ? 7  GLU A CD   1 
ATOM   108 O  OE1  . GLU A 1 7  ? -7.372  -2.193  3.142   1.00 2.41 ? 7  GLU A OE1  1 
ATOM   109 O  OE2  . GLU A 1 7  ? -6.103  -2.793  1.508   1.00 2.43 ? 7  GLU A OE2  1 
ATOM   110 H  H    . GLU A 1 7  ? -4.908  1.747   1.944   1.00 1.05 ? 7  GLU A H    1 
ATOM   111 H  HA   . GLU A 1 7  ? -7.289  1.574   3.608   1.00 1.34 ? 7  GLU A HA   1 
ATOM   112 H  HB2  . GLU A 1 7  ? -4.782  -0.064  3.954   1.00 1.38 ? 7  GLU A HB2  1 
ATOM   113 H  HB3  . GLU A 1 7  ? -6.448  -0.524  4.306   1.00 1.47 ? 7  GLU A HB3  1 
ATOM   114 H  HG2  . GLU A 1 7  ? -6.620  0.081   1.645   1.00 2.22 ? 7  GLU A HG2  1 
ATOM   115 H  HG3  . GLU A 1 7  ? -4.985  -0.574  1.742   1.00 2.36 ? 7  GLU A HG3  1 
ATOM   116 N  N    . CYS A 1 8  ? -4.400  2.374   4.987   1.00 0.93 ? 8  CYS A N    1 
ATOM   117 C  CA   . CYS A 1 8  ? -3.853  3.031   6.211   1.00 0.86 ? 8  CYS A CA   1 
ATOM   118 C  C    . CYS A 1 8  ? -3.178  4.357   5.834   1.00 0.78 ? 8  CYS A C    1 
ATOM   119 O  O    . CYS A 1 8  ? -2.541  4.452   4.805   1.00 0.72 ? 8  CYS A O    1 
ATOM   120 C  CB   . CYS A 1 8  ? -2.838  2.103   6.883   1.00 0.83 ? 8  CYS A CB   1 
ATOM   121 S  SG   . CYS A 1 8  ? -1.410  1.878   5.798   1.00 0.71 ? 8  CYS A SG   1 
ATOM   122 H  H    . CYS A 1 8  ? -3.797  2.092   4.260   1.00 0.87 ? 8  CYS A H    1 
ATOM   123 H  HA   . CYS A 1 8  ? -4.665  3.223   6.895   1.00 0.95 ? 8  CYS A HA   1 
ATOM   124 H  HB2  . CYS A 1 8  ? -2.515  2.539   7.817   1.00 0.84 ? 8  CYS A HB2  1 
ATOM   125 H  HB3  . CYS A 1 8  ? -3.298  1.145   7.076   1.00 0.93 ? 8  CYS A HB3  1 
ATOM   126 N  N    . PRO A 1 9  ? -3.348  5.345   6.683   1.00 0.86 ? 9  PRO A N    1 
ATOM   127 C  CA   . PRO A 1 9  ? -2.770  6.686   6.462   1.00 0.90 ? 9  PRO A CA   1 
ATOM   128 C  C    . PRO A 1 9  ? -1.236  6.627   6.510   1.00 0.83 ? 9  PRO A C    1 
ATOM   129 O  O    . PRO A 1 9  ? -0.632  6.959   7.511   1.00 0.91 ? 9  PRO A O    1 
ATOM   130 C  CB   . PRO A 1 9  ? -3.296  7.535   7.628   1.00 1.07 ? 9  PRO A CB   1 
ATOM   131 C  CG   . PRO A 1 9  ? -4.105  6.604   8.564   1.00 1.08 ? 9  PRO A CG   1 
ATOM   132 C  CD   . PRO A 1 9  ? -4.130  5.206   7.926   1.00 0.97 ? 9  PRO A CD   1 
ATOM   133 H  HA   . PRO A 1 9  ? -3.111  7.099   5.527   1.00 0.96 ? 9  PRO A HA   1 
ATOM   134 H  HB2  . PRO A 1 9  ? -2.466  7.970   8.167   1.00 1.09 ? 9  PRO A HB2  1 
ATOM   135 H  HB3  . PRO A 1 9  ? -3.940  8.316   7.251   1.00 1.19 ? 9  PRO A HB3  1 
ATOM   136 H  HG2  . PRO A 1 9  ? -3.630  6.557   9.533   1.00 1.11 ? 9  PRO A HG2  1 
ATOM   137 H  HG3  . PRO A 1 9  ? -5.114  6.973   8.667   1.00 1.20 ? 9  PRO A HG3  1 
ATOM   138 H  HD2  . PRO A 1 9  ? -3.669  4.485   8.585   1.00 0.95 ? 9  PRO A HD2  1 
ATOM   139 H  HD3  . PRO A 1 9  ? -5.144  4.915   7.695   1.00 1.04 ? 9  PRO A HD3  1 
ATOM   140 N  N    . LYS A 1 10 ? -0.596  6.214   5.446   1.00 0.75 ? 10 LYS A N    1 
ATOM   141 C  CA   . LYS A 1 10 ? 0.890   6.149   5.460   1.00 0.77 ? 10 LYS A CA   1 
ATOM   142 C  C    . LYS A 1 10 ? 1.442   6.968   4.294   1.00 0.88 ? 10 LYS A C    1 
ATOM   143 O  O    . LYS A 1 10 ? 0.724   7.688   3.629   1.00 1.17 ? 10 LYS A O    1 
ATOM   144 C  CB   . LYS A 1 10 ? 1.340   4.694   5.321   1.00 0.75 ? 10 LYS A CB   1 
ATOM   145 C  CG   . LYS A 1 10 ? 1.710   4.142   6.699   1.00 1.01 ? 10 LYS A CG   1 
ATOM   146 C  CD   . LYS A 1 10 ? 3.225   4.229   6.897   1.00 1.11 ? 10 LYS A CD   1 
ATOM   147 C  CE   . LYS A 1 10 ? 3.600   5.637   7.363   1.00 1.65 ? 10 LYS A CE   1 
ATOM   148 N  NZ   . LYS A 1 10 ? 4.814   5.570   8.225   1.00 2.32 ? 10 LYS A NZ   1 
ATOM   149 H  H    . LYS A 1 10 ? -1.086  5.949   4.643   1.00 0.73 ? 10 LYS A H    1 
ATOM   150 H  HA   . LYS A 1 10 ? 1.260   6.553   6.390   1.00 0.87 ? 10 LYS A HA   1 
ATOM   151 H  HB2  . LYS A 1 10 ? 0.537   4.107   4.899   1.00 1.02 ? 10 LYS A HB2  1 
ATOM   152 H  HB3  . LYS A 1 10 ? 2.202   4.644   4.672   1.00 0.83 ? 10 LYS A HB3  1 
ATOM   153 H  HG2  . LYS A 1 10 ? 1.212   4.719   7.464   1.00 1.37 ? 10 LYS A HG2  1 
ATOM   154 H  HG3  . LYS A 1 10 ? 1.399   3.110   6.768   1.00 1.42 ? 10 LYS A HG3  1 
ATOM   155 H  HD2  . LYS A 1 10 ? 3.532   3.508   7.640   1.00 1.42 ? 10 LYS A HD2  1 
ATOM   156 H  HD3  . LYS A 1 10 ? 3.723   4.017   5.963   1.00 1.29 ? 10 LYS A HD3  1 
ATOM   157 H  HE2  . LYS A 1 10 ? 3.804   6.259   6.504   1.00 2.14 ? 10 LYS A HE2  1 
ATOM   158 H  HE3  . LYS A 1 10 ? 2.781   6.059   7.927   1.00 1.89 ? 10 LYS A HE3  1 
ATOM   159 H  HZ1  . LYS A 1 10 ? 5.591   5.127   7.695   1.00 2.67 ? 10 LYS A HZ1  1 
ATOM   160 H  HZ2  . LYS A 1 10 ? 5.091   6.531   8.510   1.00 2.68 ? 10 LYS A HZ2  1 
ATOM   161 H  HZ3  . LYS A 1 10 ? 4.607   5.002   9.071   1.00 2.79 ? 10 LYS A HZ3  1 
ATOM   162 N  N    . ARG A 1 11 ? 2.713   6.862   4.044   1.00 0.94 ? 11 ARG A N    1 
ATOM   163 C  CA   . ARG A 1 11 ? 3.324   7.632   2.923   1.00 1.06 ? 11 ARG A CA   1 
ATOM   164 C  C    . ARG A 1 11 ? 4.397   6.777   2.248   1.00 1.09 ? 11 ARG A C    1 
ATOM   165 O  O    . ARG A 1 11 ? 5.156   6.087   2.900   1.00 1.63 ? 11 ARG A O    1 
ATOM   166 C  CB   . ARG A 1 11 ? 3.960   8.912   3.469   1.00 1.26 ? 11 ARG A CB   1 
ATOM   167 C  CG   . ARG A 1 11 ? 2.885   9.780   4.128   1.00 1.86 ? 11 ARG A CG   1 
ATOM   168 C  CD   . ARG A 1 11 ? 3.536   11.023  4.739   1.00 2.20 ? 11 ARG A CD   1 
ATOM   169 N  NE   . ARG A 1 11 ? 4.001   10.721  6.126   1.00 2.97 ? 11 ARG A NE   1 
ATOM   170 C  CZ   . ARG A 1 11 ? 3.291   9.950   6.905   1.00 3.50 ? 11 ARG A CZ   1 
ATOM   171 N  NH1  . ARG A 1 11 ? 2.343   10.463  7.641   1.00 4.03 ? 11 ARG A NH1  1 
ATOM   172 N  NH2  . ARG A 1 11 ? 3.532   8.669   6.952   1.00 4.04 ? 11 ARG A NH2  1 
ATOM   173 H  H    . ARG A 1 11 ? 3.268   6.275   4.596   1.00 1.10 ? 11 ARG A H    1 
ATOM   174 H  HA   . ARG A 1 11 ? 2.559   7.887   2.203   1.00 1.11 ? 11 ARG A HA   1 
ATOM   175 H  HB2  . ARG A 1 11 ? 4.714   8.655   4.199   1.00 1.58 ? 11 ARG A HB2  1 
ATOM   176 H  HB3  . ARG A 1 11 ? 4.416   9.460   2.658   1.00 1.63 ? 11 ARG A HB3  1 
ATOM   177 H  HG2  . ARG A 1 11 ? 2.162   10.081  3.382   1.00 2.37 ? 11 ARG A HG2  1 
ATOM   178 H  HG3  . ARG A 1 11 ? 2.389   9.214   4.901   1.00 2.32 ? 11 ARG A HG3  1 
ATOM   179 H  HD2  . ARG A 1 11 ? 4.383   11.316  4.137   1.00 2.31 ? 11 ARG A HD2  1 
ATOM   180 H  HD3  . ARG A 1 11 ? 2.817   11.829  4.764   1.00 2.51 ? 11 ARG A HD3  1 
ATOM   181 H  HE   . ARG A 1 11 ? 4.843   11.103  6.452   1.00 3.44 ? 11 ARG A HE   1 
ATOM   182 H  HH11 . ARG A 1 11 ? 2.162   11.446  7.608   1.00 4.10 ? 11 ARG A HH11 1 
ATOM   183 H  HH12 . ARG A 1 11 ? 1.800   9.874   8.238   1.00 4.65 ? 11 ARG A HH12 1 
ATOM   184 H  HH21 . ARG A 1 11 ? 4.260   8.276   6.391   1.00 4.08 ? 11 ARG A HH21 1 
ATOM   185 H  HH22 . ARG A 1 11 ? 2.986   8.079   7.547   1.00 4.69 ? 11 ARG A HH22 1 
ATOM   186 N  N    . PHE A 1 12 ? 4.468   6.815   0.945   1.00 0.85 ? 12 PHE A N    1 
ATOM   187 C  CA   . PHE A 1 12 ? 5.495   6.002   0.235   1.00 0.90 ? 12 PHE A CA   1 
ATOM   188 C  C    . PHE A 1 12 ? 6.033   6.787   -0.963  1.00 1.12 ? 12 PHE A C    1 
ATOM   189 O  O    . PHE A 1 12 ? 5.552   7.855   -1.285  1.00 1.93 ? 12 PHE A O    1 
ATOM   190 C  CB   . PHE A 1 12 ? 4.863   4.698   -0.253  1.00 0.86 ? 12 PHE A CB   1 
ATOM   191 C  CG   . PHE A 1 12 ? 4.309   3.933   0.925   1.00 0.69 ? 12 PHE A CG   1 
ATOM   192 C  CD1  . PHE A 1 12 ? 3.048   4.260   1.441   1.00 1.30 ? 12 PHE A CD1  1 
ATOM   193 C  CD2  . PHE A 1 12 ? 5.053   2.896   1.501   1.00 1.46 ? 12 PHE A CD2  1 
ATOM   194 C  CE1  . PHE A 1 12 ? 2.533   3.551   2.531   1.00 1.26 ? 12 PHE A CE1  1 
ATOM   195 C  CE2  . PHE A 1 12 ? 4.537   2.187   2.592   1.00 1.53 ? 12 PHE A CE2  1 
ATOM   196 C  CZ   . PHE A 1 12 ? 3.277   2.514   3.108   1.00 0.78 ? 12 PHE A CZ   1 
ATOM   197 H  H    . PHE A 1 12 ? 3.848   7.377   0.435   1.00 1.01 ? 12 PHE A H    1 
ATOM   198 H  HA   . PHE A 1 12 ? 6.306   5.778   0.911   1.00 0.96 ? 12 PHE A HA   1 
ATOM   199 H  HB2  . PHE A 1 12 ? 4.065   4.921   -0.945  1.00 0.96 ? 12 PHE A HB2  1 
ATOM   200 H  HB3  . PHE A 1 12 ? 5.612   4.098   -0.749  1.00 1.00 ? 12 PHE A HB3  1 
ATOM   201 H  HD1  . PHE A 1 12 ? 2.474   5.060   0.997   1.00 2.18 ? 12 PHE A HD1  1 
ATOM   202 H  HD2  . PHE A 1 12 ? 6.025   2.644   1.103   1.00 2.31 ? 12 PHE A HD2  1 
ATOM   203 H  HE1  . PHE A 1 12 ? 1.562   3.803   2.929   1.00 2.10 ? 12 PHE A HE1  1 
ATOM   204 H  HE2  . PHE A 1 12 ? 5.112   1.388   3.037   1.00 2.43 ? 12 PHE A HE2  1 
ATOM   205 H  HZ   . PHE A 1 12 ? 2.880   1.967   3.949   1.00 0.93 ? 12 PHE A HZ   1 
ATOM   206 N  N    . MET A 1 13 ? 7.027   6.262   -1.626  1.00 1.11 ? 13 MET A N    1 
ATOM   207 C  CA   . MET A 1 13 ? 7.598   6.973   -2.805  1.00 1.25 ? 13 MET A CA   1 
ATOM   208 C  C    . MET A 1 13 ? 7.794   5.978   -3.949  1.00 1.21 ? 13 MET A C    1 
ATOM   209 O  O    . MET A 1 13 ? 8.800   5.990   -4.630  1.00 1.63 ? 13 MET A O    1 
ATOM   210 C  CB   . MET A 1 13 ? 8.947   7.588   -2.425  1.00 1.50 ? 13 MET A CB   1 
ATOM   211 C  CG   . MET A 1 13 ? 8.725   8.744   -1.448  1.00 1.60 ? 13 MET A CG   1 
ATOM   212 S  SD   . MET A 1 13 ? 10.312  9.528   -1.070  1.00 2.46 ? 13 MET A SD   1 
ATOM   213 C  CE   . MET A 1 13 ? 10.420  10.551  -2.558  1.00 3.02 ? 13 MET A CE   1 
ATOM   214 H  H    . MET A 1 13 ? 7.398   5.399   -1.348  1.00 1.59 ? 13 MET A H    1 
ATOM   215 H  HA   . MET A 1 13 ? 6.921   7.754   -3.117  1.00 1.30 ? 13 MET A HA   1 
ATOM   216 H  HB2  . MET A 1 13 ? 9.567   6.836   -1.958  1.00 1.86 ? 13 MET A HB2  1 
ATOM   217 H  HB3  . MET A 1 13 ? 9.437   7.959   -3.313  1.00 1.83 ? 13 MET A HB3  1 
ATOM   218 H  HG2  . MET A 1 13 ? 8.063   9.470   -1.896  1.00 1.85 ? 13 MET A HG2  1 
ATOM   219 H  HG3  . MET A 1 13 ? 8.283   8.367   -0.538  1.00 1.89 ? 13 MET A HG3  1 
ATOM   220 H  HE1  . MET A 1 13 ? 10.275  9.936   -3.431  1.00 3.35 ? 13 MET A HE1  1 
ATOM   221 H  HE2  . MET A 1 13 ? 9.655   11.314  -2.525  1.00 3.38 ? 13 MET A HE2  1 
ATOM   222 H  HE3  . MET A 1 13 ? 11.397  11.015  -2.604  1.00 3.35 ? 13 MET A HE3  1 
ATOM   223 N  N    . ARG A 1 14 ? 6.840   5.115   -4.167  1.00 1.16 ? 14 ARG A N    1 
ATOM   224 C  CA   . ARG A 1 14 ? 6.972   4.118   -5.266  1.00 1.09 ? 14 ARG A CA   1 
ATOM   225 C  C    . ARG A 1 14 ? 5.680   3.304   -5.372  1.00 0.86 ? 14 ARG A C    1 
ATOM   226 O  O    . ARG A 1 14 ? 4.810   3.390   -4.528  1.00 1.03 ? 14 ARG A O    1 
ATOM   227 C  CB   . ARG A 1 14 ? 8.143   3.181   -4.966  1.00 1.22 ? 14 ARG A CB   1 
ATOM   228 C  CG   . ARG A 1 14 ? 8.936   2.926   -6.250  1.00 1.64 ? 14 ARG A CG   1 
ATOM   229 C  CD   . ARG A 1 14 ? 10.383  2.578   -5.897  1.00 2.13 ? 14 ARG A CD   1 
ATOM   230 N  NE   . ARG A 1 14 ? 11.279  2.940   -7.034  1.00 2.57 ? 14 ARG A NE   1 
ATOM   231 C  CZ   . ARG A 1 14 ? 10.873  2.779   -8.264  1.00 3.18 ? 14 ARG A CZ   1 
ATOM   232 N  NH1  . ARG A 1 14 ? 10.320  1.654   -8.628  1.00 3.58 ? 14 ARG A NH1  1 
ATOM   233 N  NH2  . ARG A 1 14 ? 11.020  3.744   -9.131  1.00 3.91 ? 14 ARG A NH2  1 
ATOM   234 H  H    . ARG A 1 14 ? 6.036   5.121   -3.605  1.00 1.49 ? 14 ARG A H    1 
ATOM   235 H  HA   . ARG A 1 14 ? 7.151   4.633   -6.199  1.00 1.23 ? 14 ARG A HA   1 
ATOM   236 H  HB2  . ARG A 1 14 ? 8.789   3.636   -4.229  1.00 1.42 ? 14 ARG A HB2  1 
ATOM   237 H  HB3  . ARG A 1 14 ? 7.766   2.243   -4.586  1.00 1.42 ? 14 ARG A HB3  1 
ATOM   238 H  HG2  . ARG A 1 14 ? 8.488   2.106   -6.792  1.00 2.10 ? 14 ARG A HG2  1 
ATOM   239 H  HG3  . ARG A 1 14 ? 8.921   3.814   -6.864  1.00 1.91 ? 14 ARG A HG3  1 
ATOM   240 H  HD2  . ARG A 1 14 ? 10.681  3.129   -5.018  1.00 2.41 ? 14 ARG A HD2  1 
ATOM   241 H  HD3  . ARG A 1 14 ? 10.460  1.518   -5.699  1.00 2.60 ? 14 ARG A HD3  1 
ATOM   242 H  HE   . ARG A 1 14 ? 12.173  3.298   -6.857  1.00 2.87 ? 14 ARG A HE   1 
ATOM   243 H  HH11 . ARG A 1 14 ? 10.207  0.916   -7.963  1.00 3.52 ? 14 ARG A HH11 1 
ATOM   244 H  HH12 . ARG A 1 14 ? 10.007  1.532   -9.569  1.00 4.28 ? 14 ARG A HH12 1 
ATOM   245 H  HH21 . ARG A 1 14 ? 11.444  4.606   -8.853  1.00 4.06 ? 14 ARG A HH21 1 
ATOM   246 H  HH22 . ARG A 1 14 ? 10.708  3.621   -10.074 1.00 4.58 ? 14 ARG A HH22 1 
ATOM   247 N  N    . SER A 1 15 ? 5.547   2.514   -6.401  1.00 0.72 ? 15 SER A N    1 
ATOM   248 C  CA   . SER A 1 15 ? 4.310   1.696   -6.557  1.00 0.70 ? 15 SER A CA   1 
ATOM   249 C  C    . SER A 1 15 ? 4.636   0.225   -6.297  1.00 0.61 ? 15 SER A C    1 
ATOM   250 O  O    . SER A 1 15 ? 3.775   -0.559  -5.951  1.00 0.71 ? 15 SER A O    1 
ATOM   251 C  CB   . SER A 1 15 ? 3.771   1.856   -7.979  1.00 0.94 ? 15 SER A CB   1 
ATOM   252 O  OG   . SER A 1 15 ? 4.618   1.159   -8.883  1.00 1.38 ? 15 SER A OG   1 
ATOM   253 H  H    . SER A 1 15 ? 6.260   2.458   -7.072  1.00 0.86 ? 15 SER A H    1 
ATOM   254 H  HA   . SER A 1 15 ? 3.566   2.031   -5.849  1.00 0.71 ? 15 SER A HA   1 
ATOM   255 H  HB2  . SER A 1 15 ? 2.776   1.446   -8.037  1.00 1.59 ? 15 SER A HB2  1 
ATOM   256 H  HB3  . SER A 1 15 ? 3.740   2.907   -8.235  1.00 1.49 ? 15 SER A HB3  1 
ATOM   257 H  HG   . SER A 1 15 ? 4.181   0.341   -9.129  1.00 1.72 ? 15 SER A HG   1 
ATOM   258 N  N    . ASP A 1 16 ? 5.872   -0.158  -6.463  1.00 0.58 ? 16 ASP A N    1 
ATOM   259 C  CA   . ASP A 1 16 ? 6.250   -1.578  -6.223  1.00 0.67 ? 16 ASP A CA   1 
ATOM   260 C  C    . ASP A 1 16 ? 6.260   -1.854  -4.718  1.00 0.69 ? 16 ASP A C    1 
ATOM   261 O  O    . ASP A 1 16 ? 5.374   -2.493  -4.189  1.00 0.79 ? 16 ASP A O    1 
ATOM   262 C  CB   . ASP A 1 16 ? 7.642   -1.842  -6.803  1.00 0.78 ? 16 ASP A CB   1 
ATOM   263 C  CG   . ASP A 1 16 ? 7.572   -1.819  -8.330  1.00 1.48 ? 16 ASP A CG   1 
ATOM   264 O  OD1  . ASP A 1 16 ? 7.381   -0.746  -8.879  1.00 2.17 ? 16 ASP A OD1  1 
ATOM   265 O  OD2  . ASP A 1 16 ? 7.710   -2.874  -8.925  1.00 2.12 ? 16 ASP A OD2  1 
ATOM   266 H  H    . ASP A 1 16 ? 6.552   0.490   -6.743  1.00 0.61 ? 16 ASP A H    1 
ATOM   267 H  HA   . ASP A 1 16 ? 5.531   -2.227  -6.702  1.00 0.77 ? 16 ASP A HA   1 
ATOM   268 H  HB2  . ASP A 1 16 ? 8.324   -1.076  -6.460  1.00 1.10 ? 16 ASP A HB2  1 
ATOM   269 H  HB3  . ASP A 1 16 ? 7.992   -2.809  -6.474  1.00 1.16 ? 16 ASP A HB3  1 
ATOM   270 N  N    . HIS A 1 17 ? 7.255   -1.373  -4.023  1.00 0.73 ? 17 HIS A N    1 
ATOM   271 C  CA   . HIS A 1 17 ? 7.317   -1.606  -2.553  1.00 0.84 ? 17 HIS A CA   1 
ATOM   272 C  C    . HIS A 1 17 ? 6.016   -1.127  -1.907  1.00 0.74 ? 17 HIS A C    1 
ATOM   273 O  O    . HIS A 1 17 ? 5.589   -1.640  -0.892  1.00 0.87 ? 17 HIS A O    1 
ATOM   274 C  CB   . HIS A 1 17 ? 8.497   -0.829  -1.962  1.00 0.98 ? 17 HIS A CB   1 
ATOM   275 C  CG   . HIS A 1 17 ? 9.408   -1.775  -1.230  1.00 1.47 ? 17 HIS A CG   1 
ATOM   276 N  ND1  . HIS A 1 17 ? 8.975   -2.537  -0.155  1.00 2.16 ? 17 HIS A ND1  1 
ATOM   277 C  CD2  . HIS A 1 17 ? 10.732  -2.093  -1.405  1.00 2.26 ? 17 HIS A CD2  1 
ATOM   278 C  CE1  . HIS A 1 17 ? 10.021  -3.268  0.271   1.00 2.81 ? 17 HIS A CE1  1 
ATOM   279 N  NE2  . HIS A 1 17 ? 11.117  -3.036  -0.456  1.00 2.86 ? 17 HIS A NE2  1 
ATOM   280 H  H    . HIS A 1 17 ? 7.959   -0.857  -4.468  1.00 0.77 ? 17 HIS A H    1 
ATOM   281 H  HA   . HIS A 1 17 ? 7.448   -2.662  -2.360  1.00 0.97 ? 17 HIS A HA   1 
ATOM   282 H  HB2  . HIS A 1 17 ? 9.045   -0.347  -2.758  1.00 1.32 ? 17 HIS A HB2  1 
ATOM   283 H  HB3  . HIS A 1 17 ? 8.128   -0.082  -1.276  1.00 1.20 ? 17 HIS A HB3  1 
ATOM   284 H  HD1  . HIS A 1 17 ? 8.072   -2.542  0.225   1.00 2.56 ? 17 HIS A HD1  1 
ATOM   285 H  HD2  . HIS A 1 17 ? 11.376  -1.674  -2.163  1.00 2.80 ? 17 HIS A HD2  1 
ATOM   286 H  HE1  . HIS A 1 17 ? 9.981   -3.959  1.100   1.00 3.56 ? 17 HIS A HE1  1 
ATOM   287 N  N    . LEU A 1 18 ? 5.382   -0.147  -2.490  1.00 0.56 ? 18 LEU A N    1 
ATOM   288 C  CA   . LEU A 1 18 ? 4.107   0.367   -1.912  1.00 0.53 ? 18 LEU A CA   1 
ATOM   289 C  C    . LEU A 1 18 ? 3.008   -0.683  -2.095  1.00 0.64 ? 18 LEU A C    1 
ATOM   290 O  O    . LEU A 1 18 ? 2.205   -0.915  -1.214  1.00 0.74 ? 18 LEU A O    1 
ATOM   291 C  CB   . LEU A 1 18 ? 3.717   1.666   -2.629  1.00 0.48 ? 18 LEU A CB   1 
ATOM   292 C  CG   . LEU A 1 18 ? 2.236   1.978   -2.391  1.00 0.56 ? 18 LEU A CG   1 
ATOM   293 C  CD1  . LEU A 1 18 ? 1.899   1.785   -0.911  1.00 1.39 ? 18 LEU A CD1  1 
ATOM   294 C  CD2  . LEU A 1 18 ? 1.952   3.428   -2.790  1.00 1.28 ? 18 LEU A CD2  1 
ATOM   295 H  H    . LEU A 1 18 ? 5.744   0.253   -3.308  1.00 0.51 ? 18 LEU A H    1 
ATOM   296 H  HA   . LEU A 1 18 ? 4.244   0.564   -0.860  1.00 0.58 ? 18 LEU A HA   1 
ATOM   297 H  HB2  . LEU A 1 18 ? 4.319   2.478   -2.250  1.00 0.53 ? 18 LEU A HB2  1 
ATOM   298 H  HB3  . LEU A 1 18 ? 3.892   1.556   -3.689  1.00 0.51 ? 18 LEU A HB3  1 
ATOM   299 H  HG   . LEU A 1 18 ? 1.629   1.312   -2.987  1.00 1.21 ? 18 LEU A HG   1 
ATOM   300 H  HD11 . LEU A 1 18 ? 2.810   1.652   -0.347  1.00 1.89 ? 18 LEU A HD11 1 
ATOM   301 H  HD12 . LEU A 1 18 ? 1.375   2.656   -0.545  1.00 1.89 ? 18 LEU A HD12 1 
ATOM   302 H  HD13 . LEU A 1 18 ? 1.272   0.914   -0.794  1.00 2.00 ? 18 LEU A HD13 1 
ATOM   303 H  HD21 . LEU A 1 18 ? 2.710   4.072   -2.371  1.00 1.94 ? 18 LEU A HD21 1 
ATOM   304 H  HD22 . LEU A 1 18 ? 1.962   3.512   -3.866  1.00 1.64 ? 18 LEU A HD22 1 
ATOM   305 H  HD23 . LEU A 1 18 ? 0.983   3.720   -2.414  1.00 1.94 ? 18 LEU A HD23 1 
ATOM   306 N  N    . SER A 1 19 ? 2.966   -1.321  -3.232  1.00 0.75 ? 19 SER A N    1 
ATOM   307 C  CA   . SER A 1 19 ? 1.917   -2.353  -3.466  1.00 0.94 ? 19 SER A CA   1 
ATOM   308 C  C    . SER A 1 19 ? 2.161   -3.551  -2.544  1.00 1.06 ? 19 SER A C    1 
ATOM   309 O  O    . SER A 1 19 ? 1.283   -3.979  -1.822  1.00 1.21 ? 19 SER A O    1 
ATOM   310 C  CB   . SER A 1 19 ? 1.972   -2.812  -4.923  1.00 1.03 ? 19 SER A CB   1 
ATOM   311 O  OG   . SER A 1 19 ? 0.895   -3.705  -5.174  1.00 1.61 ? 19 SER A OG   1 
ATOM   312 H  H    . SER A 1 19 ? 3.623   -1.121  -3.931  1.00 0.77 ? 19 SER A H    1 
ATOM   313 H  HA   . SER A 1 19 ? 0.945   -1.932  -3.258  1.00 0.97 ? 19 SER A HA   1 
ATOM   314 H  HB2  . SER A 1 19 ? 1.885   -1.959  -5.575  1.00 1.17 ? 19 SER A HB2  1 
ATOM   315 H  HB3  . SER A 1 19 ? 2.916   -3.309  -5.108  1.00 1.52 ? 19 SER A HB3  1 
ATOM   316 H  HG   . SER A 1 19 ? 0.711   -3.691  -6.117  1.00 2.01 ? 19 SER A HG   1 
ATOM   317 N  N    . LYS A 1 20 ? 3.347   -4.096  -2.562  1.00 1.05 ? 20 LYS A N    1 
ATOM   318 C  CA   . LYS A 1 20 ? 3.644   -5.265  -1.688  1.00 1.23 ? 20 LYS A CA   1 
ATOM   319 C  C    . LYS A 1 20 ? 3.120   -4.989  -0.276  1.00 1.19 ? 20 LYS A C    1 
ATOM   320 O  O    . LYS A 1 20 ? 2.561   -5.854  0.368   1.00 1.38 ? 20 LYS A O    1 
ATOM   321 C  CB   . LYS A 1 20 ? 5.157   -5.492  -1.636  1.00 1.28 ? 20 LYS A CB   1 
ATOM   322 C  CG   . LYS A 1 20 ? 5.502   -6.809  -2.333  1.00 1.75 ? 20 LYS A CG   1 
ATOM   323 C  CD   . LYS A 1 20 ? 7.016   -6.903  -2.531  1.00 2.02 ? 20 LYS A CD   1 
ATOM   324 C  CE   . LYS A 1 20 ? 7.320   -7.286  -3.980  1.00 2.70 ? 20 LYS A CE   1 
ATOM   325 N  NZ   . LYS A 1 20 ? 6.865   -8.684  -4.230  1.00 3.23 ? 20 LYS A NZ   1 
ATOM   326 H  H    . LYS A 1 20 ? 4.043   -3.736  -3.152  1.00 0.96 ? 20 LYS A H    1 
ATOM   327 H  HA   . LYS A 1 20 ? 3.161   -6.144  -2.085  1.00 1.38 ? 20 LYS A HA   1 
ATOM   328 H  HB2  . LYS A 1 20 ? 5.660   -4.676  -2.137  1.00 1.48 ? 20 LYS A HB2  1 
ATOM   329 H  HB3  . LYS A 1 20 ? 5.480   -5.536  -0.607  1.00 1.52 ? 20 LYS A HB3  1 
ATOM   330 H  HG2  . LYS A 1 20 ? 5.165   -7.636  -1.725  1.00 2.25 ? 20 LYS A HG2  1 
ATOM   331 H  HG3  . LYS A 1 20 ? 5.012   -6.846  -3.295  1.00 2.19 ? 20 LYS A HG3  1 
ATOM   332 H  HD2  . LYS A 1 20 ? 7.467   -5.946  -2.307  1.00 2.31 ? 20 LYS A HD2  1 
ATOM   333 H  HD3  . LYS A 1 20 ? 7.419   -7.654  -1.869  1.00 2.35 ? 20 LYS A HD3  1 
ATOM   334 H  HE2  . LYS A 1 20 ? 6.800   -6.614  -4.646  1.00 3.15 ? 20 LYS A HE2  1 
ATOM   335 H  HE3  . LYS A 1 20 ? 8.383   -7.217  -4.154  1.00 3.04 ? 20 LYS A HE3  1 
ATOM   336 H  HZ1  . LYS A 1 20 ? 6.186   -8.965  -3.495  1.00 3.49 ? 20 LYS A HZ1  1 
ATOM   337 H  HZ2  . LYS A 1 20 ? 6.407   -8.738  -5.162  1.00 3.75 ? 20 LYS A HZ2  1 
ATOM   338 H  HZ3  . LYS A 1 20 ? 7.687   -9.323  -4.209  1.00 3.38 ? 20 LYS A HZ3  1 
ATOM   339 N  N    . HIS A 1 21 ? 3.297   -3.791  0.209   1.00 1.01 ? 21 HIS A N    1 
ATOM   340 C  CA   . HIS A 1 21 ? 2.809   -3.460  1.576   1.00 0.98 ? 21 HIS A CA   1 
ATOM   341 C  C    . HIS A 1 21 ? 1.290   -3.666  1.638   1.00 1.04 ? 21 HIS A C    1 
ATOM   342 O  O    . HIS A 1 21 ? 0.781   -4.352  2.502   1.00 1.15 ? 21 HIS A O    1 
ATOM   343 C  CB   . HIS A 1 21 ? 3.153   -1.995  1.901   1.00 0.81 ? 21 HIS A CB   1 
ATOM   344 C  CG   . HIS A 1 21 ? 2.206   -1.462  2.947   1.00 0.79 ? 21 HIS A CG   1 
ATOM   345 N  ND1  . HIS A 1 21 ? 2.418   -1.654  4.303   1.00 0.88 ? 21 HIS A ND1  1 
ATOM   346 C  CD2  . HIS A 1 21 ? 1.022   -0.775  2.844   1.00 0.77 ? 21 HIS A CD2  1 
ATOM   347 C  CE1  . HIS A 1 21 ? 1.382   -1.097  4.956   1.00 0.88 ? 21 HIS A CE1  1 
ATOM   348 N  NE2  . HIS A 1 21 ? 0.501   -0.550  4.113   1.00 0.82 ? 21 HIS A NE2  1 
ATOM   349 H  H    . HIS A 1 21 ? 3.751   -3.107  -0.328  1.00 0.93 ? 21 HIS A H    1 
ATOM   350 H  HA   . HIS A 1 21 ? 3.287   -4.109  2.296   1.00 1.09 ? 21 HIS A HA   1 
ATOM   351 H  HB2  . HIS A 1 21 ? 4.166   -1.939  2.272   1.00 0.83 ? 21 HIS A HB2  1 
ATOM   352 H  HB3  . HIS A 1 21 ? 3.068   -1.400  1.004   1.00 0.73 ? 21 HIS A HB3  1 
ATOM   353 H  HD1  . HIS A 1 21 ? 3.183   -2.111  4.711   1.00 0.97 ? 21 HIS A HD1  1 
ATOM   354 H  HD2  . HIS A 1 21 ? 0.567   -0.450  1.921   1.00 0.76 ? 21 HIS A HD2  1 
ATOM   355 H  HE1  . HIS A 1 21 ? 1.275   -1.094  6.030   1.00 0.97 ? 21 HIS A HE1  1 
ATOM   356 N  N    . ILE A 1 22 ? 0.566   -3.064  0.736   1.00 0.99 ? 22 ILE A N    1 
ATOM   357 C  CA   . ILE A 1 22 ? -0.916  -3.213  0.750   1.00 1.09 ? 22 ILE A CA   1 
ATOM   358 C  C    . ILE A 1 22 ? -1.291  -4.684  0.552   1.00 1.29 ? 22 ILE A C    1 
ATOM   359 O  O    . ILE A 1 22 ? -2.398  -5.094  0.837   1.00 1.41 ? 22 ILE A O    1 
ATOM   360 C  CB   . ILE A 1 22 ? -1.528  -2.376  -0.375  1.00 1.07 ? 22 ILE A CB   1 
ATOM   361 C  CG1  . ILE A 1 22 ? -1.010  -0.935  -0.293  1.00 0.90 ? 22 ILE A CG1  1 
ATOM   362 C  CG2  . ILE A 1 22 ? -3.051  -2.375  -0.237  1.00 1.21 ? 22 ILE A CG2  1 
ATOM   363 C  CD1  . ILE A 1 22 ? -1.398  -0.182  -1.566  1.00 1.02 ? 22 ILE A CD1  1 
ATOM   364 H  H    . ILE A 1 22 ? 0.997   -2.509  0.054   1.00 0.91 ? 22 ILE A H    1 
ATOM   365 H  HA   . ILE A 1 22 ? -1.301  -2.871  1.699   1.00 1.07 ? 22 ILE A HA   1 
ATOM   366 H  HB   . ILE A 1 22 ? -1.256  -2.804  -1.327  1.00 1.11 ? 22 ILE A HB   1 
ATOM   367 H  HG12 . ILE A 1 22 ? -1.445  -0.443  0.563   1.00 0.97 ? 22 ILE A HG12 1 
ATOM   368 H  HG13 . ILE A 1 22 ? 0.065   -0.939  -0.195  1.00 1.03 ? 22 ILE A HG13 1 
ATOM   369 H  HG21 . ILE A 1 22 ? -3.414  -3.392  -0.251  1.00 1.53 ? 22 ILE A HG21 1 
ATOM   370 H  HG22 . ILE A 1 22 ? -3.328  -1.907  0.696   1.00 1.72 ? 22 ILE A HG22 1 
ATOM   371 H  HG23 . ILE A 1 22 ? -3.487  -1.826  -1.058  1.00 1.54 ? 22 ILE A HG23 1 
ATOM   372 H  HD11 . ILE A 1 22 ? -2.325  -0.581  -1.950  1.00 1.62 ? 22 ILE A HD11 1 
ATOM   373 H  HD12 . ILE A 1 22 ? -1.524  0.866   -1.339  1.00 1.61 ? 22 ILE A HD12 1 
ATOM   374 H  HD13 . ILE A 1 22 ? -0.621  -0.300  -2.306  1.00 1.17 ? 22 ILE A HD13 1 
ATOM   375 N  N    . LYS A 1 23 ? -0.381  -5.479  0.060   1.00 1.33 ? 23 LYS A N    1 
ATOM   376 C  CA   . LYS A 1 23 ? -0.692  -6.921  -0.158  1.00 1.53 ? 23 LYS A CA   1 
ATOM   377 C  C    . LYS A 1 23 ? -0.944  -7.608  1.185   1.00 1.63 ? 23 LYS A C    1 
ATOM   378 O  O    . LYS A 1 23 ? -1.697  -8.557  1.276   1.00 1.80 ? 23 LYS A O    1 
ATOM   379 C  CB   . LYS A 1 23 ? 0.487   -7.596  -0.864  1.00 1.56 ? 23 LYS A CB   1 
ATOM   380 C  CG   . LYS A 1 23 ? -0.024  -8.396  -2.064  1.00 1.84 ? 23 LYS A CG   1 
ATOM   381 C  CD   . LYS A 1 23 ? -0.279  -9.844  -1.641  1.00 2.62 ? 23 LYS A CD   1 
ATOM   382 C  CE   . LYS A 1 23 ? 0.193   -10.789 -2.748  1.00 2.94 ? 23 LYS A CE   1 
ATOM   383 N  NZ   . LYS A 1 23 ? 1.678   -10.727 -2.851  1.00 3.68 ? 23 LYS A NZ   1 
ATOM   384 H  H    . LYS A 1 23 ? 0.505   -5.128  -0.170  1.00 1.24 ? 23 LYS A H    1 
ATOM   385 H  HA   . LYS A 1 23 ? -1.573  -7.006  -0.770  1.00 1.60 ? 23 LYS A HA   1 
ATOM   386 H  HB2  . LYS A 1 23 ? 1.182   -6.842  -1.202  1.00 1.55 ? 23 LYS A HB2  1 
ATOM   387 H  HB3  . LYS A 1 23 ? 0.985   -8.262  -0.175  1.00 1.73 ? 23 LYS A HB3  1 
ATOM   388 H  HG2  . LYS A 1 23 ? -0.944  -7.958  -2.423  1.00 2.10 ? 23 LYS A HG2  1 
ATOM   389 H  HG3  . LYS A 1 23 ? 0.715   -8.377  -2.850  1.00 2.06 ? 23 LYS A HG3  1 
ATOM   390 H  HD2  . LYS A 1 23 ? 0.263   -10.055 -0.730  1.00 3.14 ? 23 LYS A HD2  1 
ATOM   391 H  HD3  . LYS A 1 23 ? -1.336  -9.990  -1.473  1.00 3.09 ? 23 LYS A HD3  1 
ATOM   392 H  HE2  . LYS A 1 23 ? -0.110  -11.799 -2.512  1.00 3.21 ? 23 LYS A HE2  1 
ATOM   393 H  HE3  . LYS A 1 23 ? -0.246  -10.491 -3.688  1.00 3.08 ? 23 LYS A HE3  1 
ATOM   394 H  HZ1  . LYS A 1 23 ? 2.093   -10.752 -1.897  1.00 4.05 ? 23 LYS A HZ1  1 
ATOM   395 H  HZ2  . LYS A 1 23 ? 2.022   -11.540 -3.400  1.00 3.93 ? 23 LYS A HZ2  1 
ATOM   396 H  HZ3  . LYS A 1 23 ? 1.956   -9.847  -3.329  1.00 4.06 ? 23 LYS A HZ3  1 
ATOM   397 N  N    . THR A 1 24 ? -0.323  -7.136  2.227   1.00 1.55 ? 24 THR A N    1 
ATOM   398 C  CA   . THR A 1 24 ? -0.527  -7.761  3.565   1.00 1.68 ? 24 THR A CA   1 
ATOM   399 C  C    . THR A 1 24 ? -1.826  -7.235  4.180   1.00 1.69 ? 24 THR A C    1 
ATOM   400 O  O    . THR A 1 24 ? -2.285  -7.721  5.195   1.00 1.81 ? 24 THR A O    1 
ATOM   401 C  CB   . THR A 1 24 ? 0.649   -7.410  4.479   1.00 1.62 ? 24 THR A CB   1 
ATOM   402 O  OG1  . THR A 1 24 ? 0.436   -6.129  5.055   1.00 1.81 ? 24 THR A OG1  1 
ATOM   403 C  CG2  . THR A 1 24 ? 1.944   -7.395  3.664   1.00 1.82 ? 24 THR A CG2  1 
ATOM   404 H  H    . THR A 1 24 ? 0.276   -6.370  2.131   1.00 1.44 ? 24 THR A H    1 
ATOM   405 H  HA   . THR A 1 24 ? -0.590  -8.833  3.455   1.00 1.82 ? 24 THR A HA   1 
ATOM   406 H  HB   . THR A 1 24 ? 0.731   -8.148  5.262   1.00 1.86 ? 24 THR A HB   1 
ATOM   407 H  HG1  . THR A 1 24 ? -0.147  -5.635  4.473   1.00 1.93 ? 24 THR A HG1  1 
ATOM   408 H  HG21 . THR A 1 24 ? 1.770   -7.859  2.704   1.00 2.34 ? 24 THR A HG21 1 
ATOM   409 H  HG22 . THR A 1 24 ? 2.265   -6.375  3.518   1.00 2.07 ? 24 THR A HG22 1 
ATOM   410 H  HG23 . THR A 1 24 ? 2.710   -7.942  4.195   1.00 2.10 ? 24 THR A HG23 1 
ATOM   411 N  N    . HIS A 1 25 ? -2.424  -6.247  3.571   1.00 1.58 ? 25 HIS A N    1 
ATOM   412 C  CA   . HIS A 1 25 ? -3.694  -5.693  4.119   1.00 1.62 ? 25 HIS A CA   1 
ATOM   413 C  C    . HIS A 1 25 ? -4.858  -6.596  3.709   1.00 1.85 ? 25 HIS A C    1 
ATOM   414 O  O    . HIS A 1 25 ? -5.907  -6.591  4.322   1.00 2.01 ? 25 HIS A O    1 
ATOM   415 C  CB   . HIS A 1 25 ? -3.921  -4.288  3.558   1.00 1.48 ? 25 HIS A CB   1 
ATOM   416 C  CG   . HIS A 1 25 ? -3.385  -3.262  4.519   1.00 1.30 ? 25 HIS A CG   1 
ATOM   417 N  ND1  . HIS A 1 25 ? -3.734  -3.250  5.862   1.00 1.33 ? 25 HIS A ND1  1 
ATOM   418 C  CD2  . HIS A 1 25 ? -2.537  -2.197  4.343   1.00 1.11 ? 25 HIS A CD2  1 
ATOM   419 C  CE1  . HIS A 1 25 ? -3.104  -2.206  6.435   1.00 1.19 ? 25 HIS A CE1  1 
ATOM   420 N  NE2  . HIS A 1 25 ? -2.362  -1.531  5.554   1.00 1.04 ? 25 HIS A NE2  1 
ATOM   421 H  H    . HIS A 1 25 ? -2.039  -5.871  2.753   1.00 1.49 ? 25 HIS A H    1 
ATOM   422 H  HA   . HIS A 1 25 ? -3.633  -5.648  5.196   1.00 1.61 ? 25 HIS A HA   1 
ATOM   423 H  HB2  . HIS A 1 25 ? -3.410  -4.194  2.611   1.00 1.43 ? 25 HIS A HB2  1 
ATOM   424 H  HB3  . HIS A 1 25 ? -4.979  -4.126  3.413   1.00 1.59 ? 25 HIS A HB3  1 
ATOM   425 H  HD1  . HIS A 1 25 ? -4.329  -3.885  6.311   1.00 1.46 ? 25 HIS A HD1  1 
ATOM   426 H  HD2  . HIS A 1 25 ? -2.067  -1.925  3.407   1.00 1.05 ? 25 HIS A HD2  1 
ATOM   427 H  HE1  . HIS A 1 25 ? -3.190  -1.946  7.480   1.00 1.21 ? 25 HIS A HE1  1 
ATOM   428 N  N    . GLN A 1 26 ? -4.681  -7.371  2.675   1.00 1.88 ? 26 GLN A N    1 
ATOM   429 C  CA   . GLN A 1 26 ? -5.777  -8.275  2.222   1.00 2.11 ? 26 GLN A CA   1 
ATOM   430 C  C    . GLN A 1 26 ? -5.267  -9.714  2.179   1.00 1.38 ? 26 GLN A C    1 
ATOM   431 O  O    . GLN A 1 26 ? -5.183  -10.324 1.131   1.00 2.06 ? 26 GLN A O    1 
ATOM   432 C  CB   . GLN A 1 26 ? -6.231  -7.864  0.827   1.00 3.28 ? 26 GLN A CB   1 
ATOM   433 C  CG   . GLN A 1 26 ? -7.687  -7.399  0.878   1.00 4.24 ? 26 GLN A CG   1 
ATOM   434 C  CD   . GLN A 1 26 ? -7.752  -5.978  1.439   1.00 5.23 ? 26 GLN A CD   1 
ATOM   435 O  OE1  . GLN A 1 26 ? -6.751  -5.434  1.863   1.00 5.80 ? 26 GLN A OE1  1 
ATOM   436 N  NE2  . GLN A 1 26 ? -8.895  -5.350  1.462   1.00 5.78 ? 26 GLN A NE2  1 
ATOM   437 H  H    . GLN A 1 26 ? -3.827  -7.359  2.195   1.00 1.77 ? 26 GLN A H    1 
ATOM   438 H  HA   . GLN A 1 26 ? -6.608  -8.207  2.908   1.00 2.53 ? 26 GLN A HA   1 
ATOM   439 H  HB2  . GLN A 1 26 ? -5.605  -7.059  0.472   1.00 3.67 ? 26 GLN A HB2  1 
ATOM   440 H  HB3  . GLN A 1 26 ? -6.146  -8.709  0.162   1.00 3.48 ? 26 GLN A HB3  1 
ATOM   441 H  HG2  . GLN A 1 26 ? -8.105  -7.414  -0.118  1.00 4.35 ? 26 GLN A HG2  1 
ATOM   442 H  HG3  . GLN A 1 26 ? -8.254  -8.062  1.515   1.00 4.51 ? 26 GLN A HG3  1 
ATOM   443 H  HE21 . GLN A 1 26 ? -9.702  -5.789  1.121   1.00 5.64 ? 26 GLN A HE21 1 
ATOM   444 H  HE22 . GLN A 1 26 ? -8.947  -4.439  1.819   1.00 6.53 ? 26 GLN A HE22 1 
ATOM   445 N  N    . ASN A 1 27 ? -4.924  -10.258 3.307   1.00 1.29 ? 27 ASN A N    1 
ATOM   446 C  CA   . ASN A 1 27 ? -4.417  -11.659 3.340   1.00 2.11 ? 27 ASN A CA   1 
ATOM   447 C  C    . ASN A 1 27 ? -5.450  -12.593 2.705   1.00 2.31 ? 27 ASN A C    1 
ATOM   448 O  O    . ASN A 1 27 ? -6.608  -12.591 3.071   1.00 2.39 ? 27 ASN A O    1 
ATOM   449 C  CB   . ASN A 1 27 ? -4.172  -12.076 4.791   1.00 3.10 ? 27 ASN A CB   1 
ATOM   450 C  CG   . ASN A 1 27 ? -3.159  -13.222 4.829   1.00 4.04 ? 27 ASN A CG   1 
ATOM   451 O  OD1  . ASN A 1 27 ? -3.012  -13.951 3.868   1.00 4.56 ? 27 ASN A OD1  1 
ATOM   452 N  ND2  . ASN A 1 27 ? -2.448  -13.411 5.907   1.00 4.72 ? 27 ASN A ND2  1 
ATOM   453 H  H    . ASN A 1 27 ? -5.000  -9.743  4.135   1.00 1.66 ? 27 ASN A H    1 
ATOM   454 H  HA   . ASN A 1 27 ? -3.490  -11.718 2.788   1.00 2.70 ? 27 ASN A HA   1 
ATOM   455 H  HB2  . ASN A 1 27 ? -3.785  -11.235 5.347   1.00 3.28 ? 27 ASN A HB2  1 
ATOM   456 H  HB3  . ASN A 1 27 ? -5.100  -12.405 5.233   1.00 3.56 ? 27 ASN A HB3  1 
ATOM   457 H  HD21 . ASN A 1 27 ? -2.567  -12.822 6.681   1.00 4.68 ? 27 ASN A HD21 1 
ATOM   458 H  HD22 . ASN A 1 27 ? -1.796  -14.141 5.942   1.00 5.50 ? 27 ASN A HD22 1 
ATOM   459 N  N    . LYS A 1 28 ? -5.034  -13.390 1.754   1.00 3.13 ? 28 LYS A N    1 
ATOM   460 C  CA   . LYS A 1 28 ? -5.979  -14.332 1.081   1.00 3.87 ? 28 LYS A CA   1 
ATOM   461 C  C    . LYS A 1 28 ? -7.296  -13.616 0.766   1.00 4.35 ? 28 LYS A C    1 
ATOM   462 O  O    . LYS A 1 28 ? -7.407  -12.414 0.911   1.00 4.69 ? 28 LYS A O    1 
ATOM   463 C  CB   . LYS A 1 28 ? -6.248  -15.536 1.991   1.00 4.61 ? 28 LYS A CB   1 
ATOM   464 C  CG   . LYS A 1 28 ? -7.055  -15.097 3.214   1.00 5.29 ? 28 LYS A CG   1 
ATOM   465 C  CD   . LYS A 1 28 ? -7.735  -16.314 3.844   1.00 6.12 ? 28 LYS A CD   1 
ATOM   466 C  CE   . LYS A 1 28 ? -7.883  -16.093 5.351   1.00 6.76 ? 28 LYS A CE   1 
ATOM   467 N  NZ   . LYS A 1 28 ? -8.523  -17.289 5.971   1.00 7.40 ? 28 LYS A NZ   1 
ATOM   468 H  H    . LYS A 1 28 ? -4.093  -13.369 1.479   1.00 3.55 ? 28 LYS A H    1 
ATOM   469 H  HA   . LYS A 1 28 ? -5.536  -14.676 0.158   1.00 4.08 ? 28 LYS A HA   1 
ATOM   470 H  HB2  . LYS A 1 28 ? -6.808  -16.281 1.442   1.00 4.85 ? 28 LYS A HB2  1 
ATOM   471 H  HB3  . LYS A 1 28 ? -5.309  -15.959 2.314   1.00 4.91 ? 28 LYS A HB3  1 
ATOM   472 H  HG2  . LYS A 1 28 ? -6.392  -14.641 3.936   1.00 5.49 ? 28 LYS A HG2  1 
ATOM   473 H  HG3  . LYS A 1 28 ? -7.806  -14.383 2.913   1.00 5.43 ? 28 LYS A HG3  1 
ATOM   474 H  HD2  . LYS A 1 28 ? -8.710  -16.451 3.401   1.00 6.24 ? 28 LYS A HD2  1 
ATOM   475 H  HD3  . LYS A 1 28 ? -7.133  -17.195 3.669   1.00 6.49 ? 28 LYS A HD3  1 
ATOM   476 H  HE2  . LYS A 1 28 ? -6.909  -15.937 5.790   1.00 6.96 ? 28 LYS A HE2  1 
ATOM   477 H  HE3  . LYS A 1 28 ? -8.501  -15.224 5.527   1.00 6.90 ? 28 LYS A HE3  1 
ATOM   478 H  HZ1  . LYS A 1 28 ? -8.428  -18.103 5.332   1.00 7.89 ? 28 LYS A HZ1  1 
ATOM   479 H  HZ2  . LYS A 1 28 ? -8.054  -17.503 6.874   1.00 7.53 ? 28 LYS A HZ2  1 
ATOM   480 H  HZ3  . LYS A 1 28 ? -9.530  -17.094 6.139   1.00 7.48 ? 28 LYS A HZ3  1 
ATOM   481 N  N    . LYS A 1 29 ? -8.288  -14.350 0.330   1.00 4.87 ? 29 LYS A N    1 
ATOM   482 C  CA   . LYS A 1 29 ? -9.604  -13.728 -0.005  1.00 5.76 ? 29 LYS A CA   1 
ATOM   483 C  C    . LYS A 1 29 ? -9.386  -12.368 -0.672  1.00 6.47 ? 29 LYS A C    1 
ATOM   484 O  O    . LYS A 1 29 ? -10.270 -11.535 -0.574  1.00 6.56 ? 29 LYS A O    1 
ATOM   485 C  CB   . LYS A 1 29 ? -10.423 -13.546 1.274   1.00 6.23 ? 29 LYS A CB   1 
ATOM   486 C  CG   . LYS A 1 29 ? -9.832  -12.406 2.105   1.00 6.79 ? 29 LYS A CG   1 
ATOM   487 C  CD   . LYS A 1 29 ? -10.708 -12.166 3.334   1.00 7.46 ? 29 LYS A CD   1 
ATOM   488 C  CE   . LYS A 1 29 ? -10.557 -13.339 4.304   1.00 8.45 ? 29 LYS A CE   1 
ATOM   489 N  NZ   . LYS A 1 29 ? -11.716 -13.361 5.241   1.00 9.11 ? 29 LYS A NZ   1 
ATOM   490 O  OXT  . LYS A 1 29 ? -8.337  -12.184 -1.267  1.00 7.19 ? 29 LYS A OXT  1 
ATOM   491 H  H    . LYS A 1 29 ? -8.164  -15.316 0.218   1.00 4.93 ? 29 LYS A H    1 
ATOM   492 H  HA   . LYS A 1 29 ? -10.141 -14.376 -0.683  1.00 5.95 ? 29 LYS A HA   1 
ATOM   493 H  HB2  . LYS A 1 29 ? -11.446 -13.311 1.015   1.00 6.23 ? 29 LYS A HB2  1 
ATOM   494 H  HB3  . LYS A 1 29 ? -10.399 -14.458 1.850   1.00 6.57 ? 29 LYS A HB3  1 
ATOM   495 H  HG2  . LYS A 1 29 ? -8.833  -12.671 2.420   1.00 6.87 ? 29 LYS A HG2  1 
ATOM   496 H  HG3  . LYS A 1 29 ? -9.796  -11.507 1.509   1.00 6.99 ? 29 LYS A HG3  1 
ATOM   497 H  HD2  . LYS A 1 29 ? -10.402 -11.252 3.822   1.00 7.51 ? 29 LYS A HD2  1 
ATOM   498 H  HD3  . LYS A 1 29 ? -11.741 -12.085 3.030   1.00 7.45 ? 29 LYS A HD3  1 
ATOM   499 H  HE2  . LYS A 1 29 ? -10.525 -14.265 3.749   1.00 8.61 ? 29 LYS A HE2  1 
ATOM   500 H  HE3  . LYS A 1 29 ? -9.642  -13.225 4.867   1.00 8.77 ? 29 LYS A HE3  1 
ATOM   501 H  HZ1  . LYS A 1 29 ? -11.872 -12.407 5.622   1.00 9.23 ? 29 LYS A HZ1  1 
ATOM   502 H  HZ2  . LYS A 1 29 ? -12.567 -13.677 4.731   1.00 9.48 ? 29 LYS A HZ2  1 
ATOM   503 H  HZ3  . LYS A 1 29 ? -11.518 -14.016 6.023   1.00 9.28 ? 29 LYS A HZ3  1 
HETATM 504 ZN ZN   . ZN  B 2 .  ? -1.399  0.026   4.526   1.00 0.81 ? 30 ZN  A ZN   1 
# 
